data_4JDZ
#
_entry.id   4JDZ
#
_cell.length_a   74.41
_cell.length_b   73.88
_cell.length_c   90.03
_cell.angle_alpha   90.00
_cell.angle_beta   102.42
_cell.angle_gamma   90.00
#
_symmetry.space_group_name_H-M   'P 1 21 1'
#
loop_
_entity.id
_entity.type
_entity.pdbx_description
1 polymer 'Ser-Asp rich fibrinogen/bone sialoprotein-binding protein SdrD'
2 polymer 'Ser-Asp rich fibrinogen/bone sialoprotein-binding protein SdrD'
3 non-polymer 'CALCIUM ION'
4 water water
#
loop_
_entity_poly.entity_id
_entity_poly.type
_entity_poly.pdbx_seq_one_letter_code
_entity_poly.pdbx_strand_id
1 'polypeptide(L)'
;SKNVNDLITSNTTLTVVDAIKNNKIVPAQDYLALKSQIKVDDKVKSGDYFTIKYSDTVQVYGLNPEDIKNIGDIKDPNNG
ETIATAKHDTANNLITYTFTDYVDRFNSVQMGINYSIYMDADTIPVSKNDVEFNVTIGNDTTKTTANIQYPDYVSRDNNS
IGSAFTETVSHAGNAEDPGYYKQTVYVNPSEKSLTNAKLKVEAYHKDYPDNVGQINKDVTKIKIYQAPKDYVLNKGYDVN
TNQLIDVTEQFKDKITYGANDSVNVDFGSINNSYVVMVDTKFEYTTSASPTLVQMATLTSDGNRSVSTGNALGFTNNQSG
GAAQEVYKIGNYVWEDTNKNGVQDLGEVGVKGVTVVAYDNAAAAEVGRTITDDKGGYLIPNLPNGDYRVEFSNLPQGYEV
TPSKQGNNEELDSNGVSSVITVNGKDNLSADLGIYKPKYNLGDYA
;
B
2 'polypeptide(L)'
;ANVNDLITSNTTLTVVDAIKNNKIVPAQDYLALKSQIKVDDKVKSGDYFTIKYSDTVQVYGLNPEDIKNIGDIKDPNNGE
TIATAKHDTANNLITYTFTDYVDRFNSVQMGINYSIYMDADTIPVSKNDVEFNVTIGNDTTKTTANIQYPDYVSRDNNSI
GSAFTETVSHAGNAEDPGYYKQTVYVNPSEKSLTNAKLKVEAYHKDYPDNVGQINKDVTKIKIYQAPKDYVLNKGYDVNT
NQLIDVTEQFKDKITYGANDSVNVDFGSINNSYVVMVDTKFEYTTSASPTLVQMATLTSDGNRSVSTGNALGFTNNQSGG
AAQEVYKIGNYVWEDTNKNGVQDLGEVGVKGVTVVAYAAAAAKEVGRTITDDKGGYLIPNLPNGDYRVEFSNLPQGYEVT
PSKQGANEELDSNGVSSVITVNGKDNLSADLGIYKPAY
;
A
#
# COMPACT_ATOMS: atom_id res chain seq x y z
N SER A 1 12.21 2.29 -18.12
CA SER A 1 13.61 2.56 -17.82
C SER A 1 14.11 3.84 -18.48
N LYS A 2 13.30 4.40 -19.38
CA LYS A 2 13.72 5.53 -20.20
C LYS A 2 12.78 6.73 -20.07
N ASN A 3 13.36 7.92 -19.99
CA ASN A 3 12.60 9.17 -20.00
C ASN A 3 12.10 9.49 -21.40
N VAL A 4 10.78 9.47 -21.59
CA VAL A 4 10.22 9.67 -22.91
C VAL A 4 9.49 11.01 -23.04
N ASN A 5 9.93 12.00 -22.28
CA ASN A 5 9.40 13.36 -22.41
C ASN A 5 9.35 13.82 -23.87
N ASP A 6 10.36 13.43 -24.66
CA ASP A 6 10.42 13.83 -26.05
C ASP A 6 9.42 13.08 -26.95
N LEU A 7 8.79 12.04 -26.41
CA LEU A 7 7.81 11.25 -27.15
C LEU A 7 6.37 11.51 -26.75
N ILE A 8 6.13 12.55 -25.97
CA ILE A 8 4.76 12.95 -25.69
C ILE A 8 4.53 14.38 -26.16
N THR A 9 3.30 14.66 -26.57
CA THR A 9 2.90 16.00 -26.96
C THR A 9 1.56 16.28 -26.27
N SER A 10 1.23 17.56 -26.11
CA SER A 10 0.03 17.91 -25.35
C SER A 10 -0.56 19.26 -25.73
N ASN A 11 -1.85 19.40 -25.50
CA ASN A 11 -2.54 20.67 -25.61
C ASN A 11 -2.98 21.06 -24.20
N THR A 12 -2.43 22.15 -23.68
CA THR A 12 -2.54 22.42 -22.24
C THR A 12 -2.98 23.85 -21.94
N THR A 13 -3.82 24.01 -20.92
CA THR A 13 -4.15 25.35 -20.39
C THR A 13 -3.95 25.45 -18.87
N LEU A 14 -3.46 26.59 -18.41
CA LEU A 14 -3.28 26.88 -16.99
C LEU A 14 -3.94 28.23 -16.73
N THR A 15 -4.90 28.25 -15.82
CA THR A 15 -5.74 29.42 -15.63
C THR A 15 -5.85 29.70 -14.14
N VAL A 16 -5.63 30.94 -13.70
CA VAL A 16 -5.84 31.18 -12.28
C VAL A 16 -7.33 31.28 -12.00
N VAL A 17 -7.75 30.79 -10.85
CA VAL A 17 -9.16 30.84 -10.49
C VAL A 17 -9.34 31.68 -9.23
N ASP A 18 -10.05 32.78 -9.42
CA ASP A 18 -10.41 33.65 -8.31
C ASP A 18 -11.56 32.98 -7.58
N ALA A 19 -11.24 32.05 -6.67
CA ALA A 19 -12.24 31.18 -6.04
C ALA A 19 -13.31 31.92 -5.24
N ILE A 20 -12.88 32.93 -4.49
CA ILE A 20 -13.74 33.73 -3.63
C ILE A 20 -14.41 34.85 -4.44
N LYS A 21 -14.02 34.98 -5.71
CA LYS A 21 -14.60 35.98 -6.61
C LYS A 21 -14.53 37.41 -6.06
N ASN A 22 -13.45 37.75 -5.38
CA ASN A 22 -13.35 39.10 -4.83
C ASN A 22 -12.47 40.02 -5.68
N ASN A 23 -12.15 39.58 -6.89
N ASN A 23 -12.14 39.57 -6.89
CA ASN A 23 -11.38 40.41 -7.81
CA ASN A 23 -11.36 40.37 -7.84
C ASN A 23 -9.96 40.70 -7.28
C ASN A 23 -9.91 40.59 -7.41
N LYS A 24 -9.46 39.84 -6.40
CA LYS A 24 -8.08 39.92 -5.93
C LYS A 24 -7.48 38.51 -5.91
N ILE A 25 -6.24 38.37 -6.35
CA ILE A 25 -5.59 37.07 -6.36
C ILE A 25 -4.63 36.93 -5.19
N VAL A 26 -4.90 35.94 -4.36
CA VAL A 26 -4.19 35.74 -3.11
C VAL A 26 -3.90 34.26 -2.98
N PRO A 27 -2.66 33.90 -2.69
CA PRO A 27 -2.36 32.45 -2.66
C PRO A 27 -3.20 31.63 -1.67
N ALA A 28 -3.57 32.21 -0.53
CA ALA A 28 -4.33 31.45 0.48
C ALA A 28 -5.78 31.14 0.09
N GLN A 29 -6.34 31.91 -0.84
CA GLN A 29 -7.76 31.73 -1.22
C GLN A 29 -7.93 31.18 -2.63
N ASP A 30 -7.00 31.51 -3.51
CA ASP A 30 -7.19 31.22 -4.93
C ASP A 30 -6.37 30.01 -5.38
N TYR A 31 -6.63 29.52 -6.59
CA TYR A 31 -5.87 28.38 -7.11
C TYR A 31 -5.71 28.42 -8.61
N LEU A 32 -5.09 27.38 -9.16
CA LEU A 32 -4.85 27.30 -10.58
C LEU A 32 -5.48 26.01 -11.11
N ALA A 33 -6.19 26.14 -12.24
CA ALA A 33 -6.77 25.01 -12.94
C ALA A 33 -5.85 24.55 -14.07
N LEU A 34 -5.31 23.35 -13.96
CA LEU A 34 -4.48 22.76 -15.00
C LEU A 34 -5.28 21.71 -15.78
N LYS A 35 -5.35 21.88 -17.10
CA LYS A 35 -6.06 20.93 -17.96
C LYS A 35 -5.20 20.59 -19.15
N SER A 36 -5.07 19.30 -19.46
CA SER A 36 -4.23 18.90 -20.58
C SER A 36 -4.68 17.59 -21.26
N GLN A 37 -4.53 17.55 -22.58
CA GLN A 37 -4.71 16.32 -23.33
C GLN A 37 -3.35 15.91 -23.87
N ILE A 38 -2.88 14.75 -23.46
CA ILE A 38 -1.53 14.31 -23.77
C ILE A 38 -1.54 13.14 -24.75
N LYS A 39 -0.73 13.22 -25.79
CA LYS A 39 -0.58 12.12 -26.73
C LYS A 39 0.78 11.47 -26.55
N VAL A 40 0.80 10.15 -26.62
CA VAL A 40 2.01 9.40 -26.35
C VAL A 40 2.40 8.62 -27.60
N ASP A 41 3.65 8.80 -28.05
CA ASP A 41 4.13 8.07 -29.24
C ASP A 41 4.03 6.55 -29.05
N ASP A 42 3.71 5.84 -30.13
CA ASP A 42 3.63 4.38 -30.08
C ASP A 42 4.95 3.70 -29.66
N LYS A 43 6.07 4.38 -29.91
CA LYS A 43 7.39 3.88 -29.52
C LYS A 43 7.51 3.71 -28.00
N VAL A 44 6.73 4.48 -27.25
CA VAL A 44 6.77 4.42 -25.79
C VAL A 44 6.35 3.03 -25.29
N LYS A 45 7.03 2.53 -24.27
CA LYS A 45 6.75 1.19 -23.76
C LYS A 45 6.62 1.14 -22.24
N SER A 46 6.12 0.02 -21.75
CA SER A 46 5.95 -0.21 -20.33
C SER A 46 7.23 0.14 -19.58
N GLY A 47 7.09 0.83 -18.46
CA GLY A 47 8.25 1.16 -17.65
C GLY A 47 8.96 2.45 -18.05
N ASP A 48 8.69 2.95 -19.25
CA ASP A 48 9.10 4.31 -19.61
C ASP A 48 8.34 5.29 -18.71
N TYR A 49 8.88 6.49 -18.53
CA TYR A 49 8.19 7.49 -17.71
C TYR A 49 8.31 8.87 -18.32
N PHE A 50 7.34 9.73 -18.03
CA PHE A 50 7.44 11.14 -18.39
C PHE A 50 7.22 11.96 -17.13
N THR A 51 7.57 13.24 -17.20
CA THR A 51 7.43 14.07 -16.02
C THR A 51 6.48 15.24 -16.26
N ILE A 52 5.91 15.72 -15.17
CA ILE A 52 5.31 17.04 -15.12
C ILE A 52 6.05 17.84 -14.04
N LYS A 53 6.62 18.98 -14.43
CA LYS A 53 7.31 19.80 -13.45
C LYS A 53 6.61 21.12 -13.38
N TYR A 54 6.90 21.91 -12.35
CA TYR A 54 6.15 23.15 -12.15
C TYR A 54 7.02 24.16 -11.46
N SER A 55 6.74 25.43 -11.72
CA SER A 55 7.61 26.50 -11.24
C SER A 55 7.62 26.62 -9.72
N ASP A 56 8.61 27.36 -9.19
CA ASP A 56 8.74 27.61 -7.76
C ASP A 56 7.51 28.29 -7.14
N THR A 57 6.74 29.00 -7.96
CA THR A 57 5.51 29.67 -7.52
C THR A 57 4.29 28.74 -7.46
N VAL A 58 4.50 27.45 -7.74
CA VAL A 58 3.40 26.47 -7.79
C VAL A 58 3.68 25.31 -6.86
N GLN A 59 2.62 24.84 -6.21
CA GLN A 59 2.68 23.60 -5.42
C GLN A 59 1.41 22.80 -5.69
N VAL A 60 1.42 21.52 -5.35
CA VAL A 60 0.30 20.66 -5.74
C VAL A 60 -0.66 20.33 -4.58
N TYR A 61 -0.50 21.00 -3.44
CA TYR A 61 -1.47 20.84 -2.36
C TYR A 61 -1.63 22.22 -1.76
N GLY A 62 -2.75 22.45 -1.10
CA GLY A 62 -3.00 23.71 -0.40
C GLY A 62 -2.74 23.58 1.08
N LEU A 63 -3.78 23.79 1.91
CA LEU A 63 -3.62 23.73 3.37
C LEU A 63 -3.41 22.32 3.87
N ASN A 64 -3.98 21.35 3.15
CA ASN A 64 -3.90 19.95 3.56
C ASN A 64 -2.92 19.17 2.72
N PRO A 65 -1.71 18.91 3.24
CA PRO A 65 -0.68 18.24 2.44
C PRO A 65 -1.10 16.83 2.00
N GLU A 66 -2.09 16.25 2.67
CA GLU A 66 -2.59 14.93 2.29
C GLU A 66 -3.33 15.01 0.96
N ASP A 67 -3.78 16.21 0.60
CA ASP A 67 -4.50 16.41 -0.66
C ASP A 67 -3.67 16.05 -1.87
N ILE A 68 -2.38 15.83 -1.67
CA ILE A 68 -1.51 15.43 -2.78
C ILE A 68 -2.01 14.14 -3.45
N LYS A 69 -2.74 13.34 -2.69
CA LYS A 69 -3.33 12.13 -3.24
C LYS A 69 -4.36 12.42 -4.32
N ASN A 70 -4.87 13.64 -4.37
CA ASN A 70 -5.86 13.97 -5.42
C ASN A 70 -5.24 13.99 -6.81
N ILE A 71 -3.91 14.11 -6.87
CA ILE A 71 -3.23 14.04 -8.16
C ILE A 71 -2.54 12.69 -8.24
N GLY A 72 -3.18 11.76 -8.94
CA GLY A 72 -2.74 10.38 -8.92
C GLY A 72 -2.57 9.74 -10.28
N ASP A 73 -2.76 8.43 -10.32
CA ASP A 73 -2.58 7.65 -11.54
C ASP A 73 -3.46 8.16 -12.66
N ILE A 74 -2.94 8.10 -13.88
CA ILE A 74 -3.72 8.48 -15.04
C ILE A 74 -4.44 7.24 -15.55
N LYS A 75 -5.75 7.36 -15.73
CA LYS A 75 -6.57 6.22 -16.10
C LYS A 75 -7.36 6.50 -17.37
N ASP A 76 -7.77 5.42 -18.03
CA ASP A 76 -8.60 5.48 -19.23
C ASP A 76 -10.08 5.44 -18.81
N PRO A 77 -10.80 6.55 -19.01
CA PRO A 77 -12.21 6.64 -18.61
C PRO A 77 -13.10 5.69 -19.41
N ASN A 78 -12.60 5.19 -20.54
CA ASN A 78 -13.39 4.34 -21.43
C ASN A 78 -13.32 2.86 -21.08
N ASN A 79 -12.20 2.43 -20.49
CA ASN A 79 -12.08 1.01 -20.19
C ASN A 79 -11.61 0.71 -18.77
N GLY A 80 -11.44 1.75 -17.96
CA GLY A 80 -11.11 1.59 -16.56
C GLY A 80 -9.63 1.32 -16.24
N GLU A 81 -8.80 1.20 -17.26
CA GLU A 81 -7.42 0.80 -17.03
C GLU A 81 -6.51 1.96 -16.68
N THR A 82 -5.52 1.67 -15.84
CA THR A 82 -4.46 2.61 -15.51
C THR A 82 -3.44 2.70 -16.64
N ILE A 83 -3.16 3.92 -17.09
CA ILE A 83 -2.24 4.14 -18.18
C ILE A 83 -0.84 4.41 -17.65
N ALA A 84 -0.76 5.18 -16.56
CA ALA A 84 0.52 5.51 -15.95
C ALA A 84 0.34 5.77 -14.47
N THR A 85 1.27 5.26 -13.67
CA THR A 85 1.18 5.47 -12.23
C THR A 85 1.98 6.70 -11.83
N ALA A 86 1.45 7.48 -10.90
CA ALA A 86 2.06 8.75 -10.56
C ALA A 86 2.88 8.65 -9.28
N LYS A 87 3.98 9.38 -9.22
CA LYS A 87 4.77 9.49 -7.99
C LYS A 87 5.26 10.93 -7.81
N HIS A 88 4.97 11.51 -6.64
CA HIS A 88 5.32 12.90 -6.39
C HIS A 88 6.70 13.05 -5.76
N ASP A 89 7.39 14.11 -6.15
CA ASP A 89 8.60 14.54 -5.43
C ASP A 89 8.49 16.04 -5.31
N THR A 90 7.72 16.50 -4.33
CA THR A 90 7.41 17.92 -4.19
C THR A 90 8.67 18.74 -3.92
N ALA A 91 9.69 18.12 -3.32
CA ALA A 91 10.93 18.84 -3.03
C ALA A 91 11.60 19.25 -4.33
N ASN A 92 11.33 18.49 -5.40
CA ASN A 92 11.87 18.81 -6.72
C ASN A 92 10.80 19.32 -7.67
N ASN A 93 9.68 19.73 -7.11
CA ASN A 93 8.60 20.29 -7.92
C ASN A 93 8.32 19.40 -9.10
N LEU A 94 8.13 18.13 -8.80
CA LEU A 94 8.10 17.08 -9.81
C LEU A 94 7.00 16.04 -9.55
N ILE A 95 6.37 15.61 -10.64
CA ILE A 95 5.48 14.45 -10.64
C ILE A 95 6.01 13.57 -11.76
N THR A 96 6.26 12.31 -11.45
CA THR A 96 6.76 11.35 -12.42
C THR A 96 5.68 10.32 -12.71
N TYR A 97 5.43 10.06 -13.99
CA TYR A 97 4.42 9.09 -14.37
C TYR A 97 5.07 7.93 -15.12
N THR A 98 4.90 6.72 -14.60
CA THR A 98 5.49 5.54 -15.20
C THR A 98 4.41 4.71 -15.92
N PHE A 99 4.55 4.54 -17.24
CA PHE A 99 3.57 3.79 -18.02
C PHE A 99 3.48 2.31 -17.63
N THR A 100 2.24 1.83 -17.60
CA THR A 100 1.94 0.41 -17.38
C THR A 100 2.01 -0.30 -18.73
N ASP A 101 1.71 -1.59 -18.76
CA ASP A 101 1.72 -2.29 -20.06
C ASP A 101 0.59 -1.81 -20.99
N TYR A 102 -0.26 -0.92 -20.49
CA TYR A 102 -1.30 -0.32 -21.33
C TYR A 102 -0.71 0.13 -22.65
N VAL A 103 0.50 0.69 -22.60
CA VAL A 103 1.12 1.24 -23.79
C VAL A 103 1.75 0.17 -24.69
N ASP A 104 1.83 -1.06 -24.19
CA ASP A 104 2.26 -2.19 -25.01
C ASP A 104 1.04 -2.78 -25.69
N ARG A 105 -0.10 -2.70 -25.01
CA ARG A 105 -1.32 -3.36 -25.46
C ARG A 105 -2.21 -2.48 -26.33
N PHE A 106 -1.99 -1.17 -26.32
CA PHE A 106 -2.70 -0.27 -27.21
C PHE A 106 -1.75 0.68 -27.94
N ASN A 107 -2.13 1.03 -29.17
CA ASN A 107 -1.50 2.11 -29.91
C ASN A 107 -2.35 3.38 -29.81
N SER A 108 -1.82 4.50 -30.30
CA SER A 108 -2.54 5.77 -30.29
C SER A 108 -2.95 6.16 -28.87
N VAL A 109 -2.05 5.93 -27.93
CA VAL A 109 -2.32 6.21 -26.54
C VAL A 109 -2.53 7.71 -26.29
N GLN A 110 -3.60 8.02 -25.57
CA GLN A 110 -3.90 9.39 -25.18
C GLN A 110 -4.34 9.42 -23.72
N MET A 111 -4.06 10.54 -23.06
CA MET A 111 -4.34 10.71 -21.65
C MET A 111 -4.88 12.11 -21.42
N GLY A 112 -5.73 12.25 -20.42
CA GLY A 112 -6.20 13.57 -20.03
C GLY A 112 -5.92 13.82 -18.56
N ILE A 113 -5.56 15.06 -18.23
CA ILE A 113 -5.45 15.47 -16.84
C ILE A 113 -6.29 16.70 -16.57
N ASN A 114 -6.85 16.75 -15.38
CA ASN A 114 -7.68 17.85 -14.94
C ASN A 114 -7.39 18.07 -13.46
N TYR A 115 -6.45 18.98 -13.14
CA TYR A 115 -5.98 19.15 -11.76
C TYR A 115 -6.22 20.54 -11.22
N SER A 116 -6.50 20.62 -9.93
CA SER A 116 -6.47 21.90 -9.21
C SER A 116 -5.12 22.00 -8.50
N ILE A 117 -4.29 22.98 -8.90
CA ILE A 117 -3.00 23.18 -8.22
C ILE A 117 -2.98 24.58 -7.57
N TYR A 118 -1.93 24.86 -6.81
CA TYR A 118 -1.95 25.99 -5.89
C TYR A 118 -0.75 26.91 -6.05
N MET A 119 -0.87 28.13 -5.53
CA MET A 119 0.26 29.05 -5.56
C MET A 119 1.10 28.84 -4.31
N ASP A 120 2.41 28.80 -4.48
CA ASP A 120 3.35 28.64 -3.37
C ASP A 120 3.89 30.04 -3.08
N ALA A 121 3.64 30.56 -1.88
CA ALA A 121 4.04 31.93 -1.57
C ALA A 121 5.51 32.07 -1.17
N ASP A 122 6.24 30.95 -1.15
CA ASP A 122 7.65 30.92 -0.75
C ASP A 122 8.46 32.03 -1.42
N THR A 123 8.29 32.20 -2.72
CA THR A 123 9.03 33.22 -3.44
C THR A 123 8.13 34.43 -3.76
N ILE A 124 6.99 34.52 -3.10
CA ILE A 124 6.10 35.69 -3.29
C ILE A 124 5.90 36.38 -1.93
N PRO A 125 6.97 37.00 -1.41
CA PRO A 125 6.98 37.60 -0.07
C PRO A 125 6.03 38.79 0.03
N VAL A 126 5.86 39.53 -1.06
CA VAL A 126 5.05 40.76 -1.02
C VAL A 126 4.17 40.88 -2.26
N SER A 127 3.24 41.82 -2.23
CA SER A 127 2.33 42.03 -3.35
C SER A 127 3.17 42.38 -4.56
N LYS A 128 2.78 41.87 -5.72
CA LYS A 128 3.61 42.01 -6.92
C LYS A 128 2.76 41.73 -8.15
N ASN A 129 2.90 42.56 -9.17
CA ASN A 129 2.16 42.33 -10.41
C ASN A 129 2.87 41.34 -11.31
N ASP A 130 2.10 40.65 -12.14
CA ASP A 130 2.65 39.78 -13.15
C ASP A 130 3.57 38.69 -12.60
N VAL A 131 3.17 38.08 -11.49
CA VAL A 131 3.87 36.89 -11.03
C VAL A 131 3.60 35.76 -12.01
N GLU A 132 4.63 35.03 -12.39
CA GLU A 132 4.43 33.96 -13.35
C GLU A 132 4.27 32.60 -12.69
N PHE A 133 3.32 31.83 -13.19
CA PHE A 133 3.13 30.45 -12.77
C PHE A 133 3.27 29.60 -14.01
N ASN A 134 4.04 28.52 -13.94
CA ASN A 134 4.14 27.67 -15.12
C ASN A 134 4.25 26.20 -14.76
N VAL A 135 3.90 25.36 -15.73
CA VAL A 135 3.91 23.92 -15.59
C VAL A 135 4.53 23.31 -16.85
N THR A 136 5.38 22.31 -16.68
CA THR A 136 6.04 21.72 -17.82
C THR A 136 5.65 20.26 -17.93
N ILE A 137 4.92 19.96 -19.01
CA ILE A 137 4.41 18.63 -19.28
C ILE A 137 5.30 17.99 -20.34
N GLY A 138 6.04 16.96 -19.95
CA GLY A 138 7.09 16.45 -20.81
C GLY A 138 8.10 17.54 -20.97
N ASN A 139 8.27 18.03 -22.20
CA ASN A 139 9.18 19.15 -22.43
C ASN A 139 8.45 20.46 -22.75
N ASP A 140 7.13 20.43 -22.78
CA ASP A 140 6.35 21.61 -23.18
C ASP A 140 5.83 22.44 -22.00
N THR A 141 6.26 23.70 -21.92
CA THR A 141 5.93 24.56 -20.80
C THR A 141 4.71 25.44 -21.09
N THR A 142 3.84 25.57 -20.10
CA THR A 142 2.69 26.45 -20.23
C THR A 142 2.74 27.46 -19.09
N LYS A 143 2.52 28.73 -19.40
CA LYS A 143 2.68 29.80 -18.42
C LYS A 143 1.41 30.60 -18.28
N THR A 144 1.22 31.19 -17.11
CA THR A 144 0.20 32.21 -16.95
C THR A 144 0.72 33.15 -15.87
N THR A 145 0.11 34.33 -15.76
CA THR A 145 0.55 35.29 -14.78
C THR A 145 -0.64 35.85 -14.02
N ALA A 146 -0.39 36.38 -12.85
CA ALA A 146 -1.44 37.06 -12.10
C ALA A 146 -0.84 38.17 -11.26
N ASN A 147 -1.66 39.18 -10.93
CA ASN A 147 -1.23 40.19 -9.98
C ASN A 147 -1.57 39.71 -8.56
N ILE A 148 -0.55 39.47 -7.74
CA ILE A 148 -0.78 39.01 -6.37
C ILE A 148 -0.93 40.23 -5.44
N GLN A 149 -2.03 40.24 -4.69
CA GLN A 149 -2.28 41.33 -3.77
C GLN A 149 -2.65 40.78 -2.42
N TYR A 150 -1.77 40.99 -1.46
CA TYR A 150 -2.01 40.57 -0.11
C TYR A 150 -2.69 41.68 0.70
N PRO A 151 -3.43 41.30 1.75
CA PRO A 151 -4.06 42.25 2.68
C PRO A 151 -3.01 42.91 3.57
N ASP A 152 -3.29 44.09 4.09
CA ASP A 152 -2.41 44.71 5.07
C ASP A 152 -2.46 43.93 6.38
N TYR A 153 -1.41 44.06 7.19
CA TYR A 153 -1.47 43.60 8.57
C TYR A 153 -2.50 44.44 9.29
N VAL A 154 -2.91 44.04 10.48
CA VAL A 154 -3.92 44.79 11.19
C VAL A 154 -3.25 45.60 12.27
N SER A 155 -3.64 46.85 12.45
CA SER A 155 -3.00 47.66 13.46
C SER A 155 -3.92 48.63 14.17
N ARG A 156 -3.61 48.90 15.43
N ARG A 156 -3.59 48.89 15.42
CA ARG A 156 -4.29 49.94 16.19
CA ARG A 156 -4.27 49.87 16.24
C ARG A 156 -3.23 50.59 17.07
C ARG A 156 -3.13 50.56 16.98
N ASP A 157 -3.04 51.90 16.90
CA ASP A 157 -1.96 52.63 17.55
C ASP A 157 -0.62 51.97 17.17
N ASN A 158 0.26 51.69 18.12
CA ASN A 158 1.54 51.07 17.75
C ASN A 158 1.49 49.53 17.73
N ASN A 159 0.32 48.95 18.00
CA ASN A 159 0.14 47.50 17.94
C ASN A 159 -0.17 46.98 16.54
N SER A 160 0.56 45.96 16.10
CA SER A 160 0.28 45.40 14.78
C SER A 160 0.33 43.88 14.83
N ILE A 161 -0.43 43.22 13.97
CA ILE A 161 -0.52 41.77 14.03
C ILE A 161 -1.01 41.22 12.69
N GLY A 162 -0.72 39.96 12.42
CA GLY A 162 -1.23 39.25 11.25
C GLY A 162 -1.29 37.76 11.57
N SER A 163 -2.16 37.01 10.89
CA SER A 163 -2.20 35.58 11.16
C SER A 163 -2.81 34.82 10.01
N ALA A 164 -2.50 33.53 9.94
CA ALA A 164 -3.09 32.65 8.96
C ALA A 164 -2.89 31.20 9.39
N PHE A 165 -3.86 30.36 9.04
CA PHE A 165 -3.65 28.91 9.12
C PHE A 165 -2.70 28.54 7.99
N THR A 166 -1.73 27.67 8.28
CA THR A 166 -0.76 27.31 7.27
C THR A 166 -0.91 25.85 6.93
N GLU A 167 -1.54 25.09 7.82
CA GLU A 167 -1.71 23.66 7.61
C GLU A 167 -2.96 23.20 8.36
N THR A 168 -3.82 22.42 7.68
CA THR A 168 -5.03 21.88 8.29
C THR A 168 -5.27 20.46 7.78
N VAL A 169 -5.30 19.50 8.69
CA VAL A 169 -5.63 18.14 8.33
C VAL A 169 -6.77 17.71 9.23
N SER A 170 -7.99 17.83 8.71
CA SER A 170 -9.19 17.48 9.47
C SER A 170 -9.61 16.05 9.17
N HIS A 171 -9.73 15.23 10.21
CA HIS A 171 -10.30 13.89 10.08
C HIS A 171 -11.60 13.82 10.85
N ALA A 172 -12.59 14.59 10.40
CA ALA A 172 -13.85 14.73 11.13
C ALA A 172 -14.59 13.40 11.15
N GLY A 173 -15.34 13.16 12.22
CA GLY A 173 -16.04 11.90 12.37
C GLY A 173 -15.13 10.83 12.94
N ASN A 174 -13.83 11.07 12.90
CA ASN A 174 -12.88 10.19 13.57
C ASN A 174 -12.58 10.68 15.00
N ALA A 175 -12.80 9.83 15.99
CA ALA A 175 -12.72 10.24 17.39
C ALA A 175 -11.36 10.03 18.03
N GLU A 176 -10.60 9.08 17.49
CA GLU A 176 -9.30 8.74 18.05
C GLU A 176 -8.20 9.71 17.60
N ASP A 177 -8.19 10.03 16.31
CA ASP A 177 -7.32 11.08 15.78
C ASP A 177 -8.12 12.03 14.89
N PRO A 178 -8.69 13.07 15.49
CA PRO A 178 -9.49 14.01 14.69
C PRO A 178 -8.63 14.85 13.73
N GLY A 179 -7.31 14.78 13.87
CA GLY A 179 -6.41 15.55 13.02
C GLY A 179 -5.84 16.80 13.69
N TYR A 180 -5.12 17.63 12.93
CA TYR A 180 -4.39 18.77 13.52
C TYR A 180 -4.39 19.99 12.60
N TYR A 181 -3.99 21.13 13.14
CA TYR A 181 -3.88 22.34 12.33
C TYR A 181 -2.86 23.29 12.95
N LYS A 182 -2.36 24.19 12.12
CA LYS A 182 -1.30 25.09 12.52
C LYS A 182 -1.66 26.50 12.13
N GLN A 183 -1.35 27.44 13.01
CA GLN A 183 -1.62 28.84 12.72
C GLN A 183 -0.33 29.57 13.01
N THR A 184 -0.03 30.54 12.16
CA THR A 184 1.15 31.35 12.36
C THR A 184 0.72 32.75 12.65
N VAL A 185 1.32 33.36 13.67
CA VAL A 185 0.98 34.73 14.02
C VAL A 185 2.21 35.61 13.88
N TYR A 186 2.07 36.71 13.16
CA TYR A 186 3.14 37.71 13.15
C TYR A 186 2.86 38.77 14.21
N VAL A 187 3.74 38.88 15.20
CA VAL A 187 3.62 39.90 16.25
C VAL A 187 4.53 41.10 15.97
N ASN A 188 3.96 42.31 15.95
CA ASN A 188 4.76 43.53 15.77
C ASN A 188 5.51 43.57 14.42
N PRO A 189 4.82 43.20 13.33
CA PRO A 189 5.45 43.33 12.01
C PRO A 189 5.87 44.77 11.71
N SER A 190 5.24 45.76 12.34
CA SER A 190 5.63 47.16 12.15
C SER A 190 6.95 47.50 12.88
N GLU A 191 7.43 46.59 13.71
CA GLU A 191 8.66 46.82 14.46
C GLU A 191 8.64 48.07 15.31
N LYS A 192 7.54 48.30 16.00
CA LYS A 192 7.46 49.39 16.96
C LYS A 192 8.16 48.98 18.27
N SER A 193 8.54 49.95 19.09
CA SER A 193 8.98 49.64 20.46
C SER A 193 7.78 49.50 21.37
N LEU A 194 7.51 48.29 21.85
CA LEU A 194 6.38 48.07 22.76
C LEU A 194 6.88 47.68 24.14
N THR A 195 6.10 48.01 25.16
CA THR A 195 6.40 47.49 26.48
C THR A 195 5.22 46.70 27.01
N ASN A 196 5.51 45.71 27.82
CA ASN A 196 4.48 44.82 28.34
C ASN A 196 3.57 44.27 27.23
N ALA A 197 4.18 43.90 26.12
CA ALA A 197 3.44 43.36 24.99
C ALA A 197 3.01 41.92 25.33
N LYS A 198 1.74 41.61 25.10
CA LYS A 198 1.27 40.25 25.31
C LYS A 198 0.45 39.76 24.12
N LEU A 199 0.67 38.51 23.74
CA LEU A 199 -0.12 37.88 22.69
C LEU A 199 -1.11 36.89 23.32
N LYS A 200 -2.38 36.98 22.94
CA LYS A 200 -3.37 35.97 23.34
C LYS A 200 -3.91 35.25 22.11
N VAL A 201 -3.83 33.93 22.10
CA VAL A 201 -4.40 33.20 20.96
C VAL A 201 -5.55 32.36 21.50
N GLU A 202 -6.71 32.39 20.85
CA GLU A 202 -7.85 31.65 21.37
C GLU A 202 -8.72 30.99 20.33
N ALA A 203 -9.08 29.74 20.57
CA ALA A 203 -10.02 29.06 19.71
C ALA A 203 -11.39 29.31 20.33
N TYR A 204 -11.81 30.57 20.28
CA TYR A 204 -13.09 30.98 20.84
C TYR A 204 -13.60 32.18 20.06
N HIS A 205 -14.86 32.14 19.65
CA HIS A 205 -15.51 33.33 19.10
C HIS A 205 -17.01 33.26 19.41
N LYS A 206 -17.55 34.34 19.95
CA LYS A 206 -18.94 34.38 20.40
C LYS A 206 -19.90 34.07 19.26
N ASP A 207 -19.47 34.27 18.02
CA ASP A 207 -20.38 34.06 16.89
C ASP A 207 -20.27 32.66 16.34
N TYR A 208 -19.31 31.89 16.84
CA TYR A 208 -19.14 30.53 16.36
C TYR A 208 -19.06 29.56 17.52
N PRO A 209 -20.20 29.32 18.17
CA PRO A 209 -20.40 28.35 19.26
C PRO A 209 -19.85 26.97 18.88
N ASP A 210 -20.17 26.50 17.66
CA ASP A 210 -19.68 25.19 17.22
C ASP A 210 -18.33 25.37 16.52
N ASN A 211 -17.25 25.13 17.26
CA ASN A 211 -15.88 25.43 16.84
C ASN A 211 -14.99 24.24 17.13
N VAL A 212 -14.34 23.67 16.11
CA VAL A 212 -13.48 22.51 16.31
C VAL A 212 -12.05 22.87 16.73
N GLY A 213 -11.76 24.16 16.89
CA GLY A 213 -10.43 24.54 17.31
C GLY A 213 -10.28 24.18 18.78
N GLN A 214 -9.04 24.07 19.24
CA GLN A 214 -8.78 23.63 20.60
C GLN A 214 -7.39 24.11 20.97
N ILE A 215 -7.27 24.74 22.14
CA ILE A 215 -5.99 25.25 22.61
C ILE A 215 -5.91 24.90 24.09
N ASN A 216 -4.95 24.07 24.45
CA ASN A 216 -4.70 23.80 25.86
C ASN A 216 -3.37 23.11 25.99
N LYS A 217 -2.88 22.98 27.21
CA LYS A 217 -1.47 22.63 27.42
C LYS A 217 -1.25 21.21 26.97
N ASP A 218 -2.32 20.44 27.06
CA ASP A 218 -2.29 19.05 26.67
C ASP A 218 -2.01 18.85 25.19
N VAL A 219 -2.64 19.65 24.34
CA VAL A 219 -2.61 19.36 22.89
C VAL A 219 -1.86 20.38 22.03
N THR A 220 -1.48 21.51 22.62
CA THR A 220 -0.92 22.61 21.84
C THR A 220 0.58 22.69 22.03
N LYS A 221 1.29 22.98 20.95
CA LYS A 221 2.73 23.19 20.99
C LYS A 221 3.03 24.54 20.32
N ILE A 222 3.94 25.31 20.89
CA ILE A 222 4.18 26.65 20.39
C ILE A 222 5.65 26.85 20.05
N LYS A 223 5.94 27.40 18.87
CA LYS A 223 7.31 27.82 18.58
C LYS A 223 7.35 29.31 18.32
N ILE A 224 8.42 29.96 18.74
CA ILE A 224 8.53 31.41 18.56
C ILE A 224 9.87 31.74 17.91
N TYR A 225 9.86 32.58 16.88
CA TYR A 225 11.09 33.00 16.19
C TYR A 225 11.19 34.50 16.23
N GLN A 226 12.40 35.01 16.40
CA GLN A 226 12.63 36.45 16.34
C GLN A 226 13.22 36.86 15.00
N ALA A 227 12.66 37.89 14.38
CA ALA A 227 13.16 38.39 13.10
C ALA A 227 14.05 39.58 13.33
N PRO A 228 15.13 39.69 12.55
CA PRO A 228 16.06 40.82 12.73
C PRO A 228 15.42 42.13 12.27
N LYS A 229 15.99 43.25 12.68
CA LYS A 229 15.49 44.55 12.26
C LYS A 229 15.37 44.64 10.72
N ASP A 230 14.31 45.28 10.25
CA ASP A 230 14.07 45.51 8.85
C ASP A 230 13.79 44.24 8.03
N TYR A 231 13.76 43.08 8.67
CA TYR A 231 13.45 41.85 7.95
C TYR A 231 12.06 41.91 7.31
N VAL A 232 11.97 41.54 6.03
CA VAL A 232 10.69 41.55 5.31
C VAL A 232 10.04 40.20 5.48
N LEU A 233 8.93 40.17 6.24
CA LEU A 233 8.22 38.94 6.54
C LEU A 233 7.43 38.53 5.31
N ASN A 234 7.30 37.23 5.09
CA ASN A 234 6.55 36.72 3.95
C ASN A 234 5.02 36.89 4.14
N LYS A 235 4.38 37.69 3.28
CA LYS A 235 2.95 37.98 3.43
C LYS A 235 2.04 36.77 3.22
N GLY A 236 2.57 35.69 2.66
CA GLY A 236 1.80 34.47 2.51
C GLY A 236 1.93 33.53 3.70
N TYR A 237 2.61 33.98 4.75
CA TYR A 237 2.85 33.19 5.94
C TYR A 237 3.64 31.90 5.64
N ASP A 238 4.50 31.99 4.63
CA ASP A 238 5.38 30.89 4.27
C ASP A 238 6.76 31.28 4.79
N VAL A 239 7.09 30.84 5.99
CA VAL A 239 8.19 31.43 6.73
C VAL A 239 9.49 30.66 6.54
N ASN A 240 10.55 31.37 6.19
CA ASN A 240 11.85 30.73 6.06
C ASN A 240 12.52 30.78 7.41
N THR A 241 12.26 29.78 8.25
CA THR A 241 12.70 29.83 9.63
C THR A 241 14.21 29.76 9.77
N ASN A 242 14.88 29.24 8.75
CA ASN A 242 16.34 29.17 8.76
C ASN A 242 16.94 30.55 8.83
N GLN A 243 16.20 31.54 8.32
CA GLN A 243 16.64 32.94 8.32
C GLN A 243 16.36 33.65 9.64
N LEU A 244 15.56 33.04 10.51
CA LEU A 244 15.17 33.69 11.75
C LEU A 244 15.90 33.05 12.91
N ILE A 245 15.75 33.62 14.10
CA ILE A 245 16.35 33.00 15.29
C ILE A 245 15.28 32.35 16.17
N ASP A 246 15.45 31.06 16.43
CA ASP A 246 14.50 30.31 17.25
C ASP A 246 14.69 30.66 18.72
N VAL A 247 13.74 31.39 19.30
CA VAL A 247 13.88 31.81 20.70
C VAL A 247 12.86 31.09 21.59
N THR A 248 12.34 29.99 21.10
CA THR A 248 11.30 29.26 21.83
C THR A 248 11.70 29.01 23.28
N GLU A 249 12.95 28.63 23.51
CA GLU A 249 13.39 28.32 24.87
C GLU A 249 13.42 29.52 25.82
N GLN A 250 13.54 30.73 25.31
CA GLN A 250 13.54 31.91 26.19
C GLN A 250 12.12 32.24 26.66
N PHE A 251 11.12 31.57 26.07
CA PHE A 251 9.72 31.83 26.42
C PHE A 251 9.10 30.73 27.27
N LYS A 252 9.91 29.77 27.71
CA LYS A 252 9.36 28.62 28.40
C LYS A 252 8.50 29.00 29.60
N ASP A 253 8.90 30.06 30.31
CA ASP A 253 8.17 30.51 31.47
C ASP A 253 7.31 31.73 31.15
N LYS A 254 7.10 31.99 29.87
CA LYS A 254 6.32 33.15 29.44
C LYS A 254 5.03 32.73 28.77
N ILE A 255 4.80 31.44 28.71
CA ILE A 255 3.61 30.93 28.05
C ILE A 255 2.60 30.41 29.07
N THR A 256 1.39 30.95 29.03
CA THR A 256 0.38 30.55 30.02
C THR A 256 -0.90 30.13 29.32
N TYR A 257 -1.36 28.92 29.56
CA TYR A 257 -2.68 28.51 29.04
C TYR A 257 -3.80 29.04 29.95
N GLY A 258 -4.88 29.53 29.34
CA GLY A 258 -5.98 30.05 30.12
C GLY A 258 -7.33 29.43 29.75
N ALA A 259 -8.40 30.01 30.28
CA ALA A 259 -9.74 29.45 30.14
C ALA A 259 -10.31 29.64 28.74
N ASN A 260 -11.25 28.76 28.36
CA ASN A 260 -11.97 28.95 27.10
C ASN A 260 -11.01 28.95 25.91
N ASP A 261 -10.08 27.99 25.94
CA ASP A 261 -9.23 27.65 24.79
C ASP A 261 -8.31 28.79 24.41
N SER A 262 -7.64 29.36 25.41
CA SER A 262 -6.77 30.50 25.19
C SER A 262 -5.38 30.14 25.67
N VAL A 263 -4.40 30.77 25.05
CA VAL A 263 -3.01 30.72 25.50
C VAL A 263 -2.40 32.14 25.39
N ASN A 264 -1.57 32.51 26.36
CA ASN A 264 -1.01 33.85 26.45
C ASN A 264 0.51 33.77 26.39
N VAL A 265 1.11 34.62 25.58
CA VAL A 265 2.58 34.64 25.50
C VAL A 265 3.01 36.05 25.91
N ASP A 266 3.84 36.12 26.94
CA ASP A 266 4.29 37.39 27.46
C ASP A 266 5.59 37.79 26.77
N PHE A 267 5.53 38.81 25.91
CA PHE A 267 6.72 39.28 25.21
C PHE A 267 7.52 40.35 25.97
N GLY A 268 6.89 41.01 26.96
CA GLY A 268 7.57 42.12 27.65
C GLY A 268 7.90 43.29 26.71
N SER A 269 9.12 43.79 26.80
CA SER A 269 9.54 44.91 25.95
C SER A 269 10.19 44.38 24.68
N ILE A 270 9.59 44.71 23.54
CA ILE A 270 10.15 44.28 22.25
C ILE A 270 10.17 45.42 21.23
N ASN A 271 10.99 45.25 20.22
CA ASN A 271 11.08 46.19 19.12
C ASN A 271 11.34 45.44 17.82
N ASN A 272 11.50 44.12 17.91
CA ASN A 272 11.59 43.25 16.74
C ASN A 272 10.21 42.70 16.42
N SER A 273 10.04 42.19 15.20
CA SER A 273 8.87 41.38 14.89
C SER A 273 9.13 39.94 15.32
N TYR A 274 8.06 39.20 15.65
CA TYR A 274 8.18 37.82 16.09
C TYR A 274 7.20 36.95 15.32
N VAL A 275 7.58 35.71 15.08
CA VAL A 275 6.73 34.78 14.35
C VAL A 275 6.35 33.70 15.36
N VAL A 276 5.06 33.52 15.57
CA VAL A 276 4.61 32.56 16.58
C VAL A 276 3.86 31.45 15.85
N MET A 277 4.31 30.21 15.99
CA MET A 277 3.64 29.11 15.29
C MET A 277 2.90 28.25 16.30
N VAL A 278 1.59 28.15 16.16
CA VAL A 278 0.78 27.40 17.11
C VAL A 278 0.32 26.13 16.42
N ASP A 279 0.72 24.98 16.97
CA ASP A 279 0.32 23.68 16.45
C ASP A 279 -0.58 22.99 17.47
N THR A 280 -1.74 22.54 17.03
CA THR A 280 -2.74 22.00 17.97
C THR A 280 -3.58 20.92 17.30
N LYS A 281 -4.37 20.18 18.09
CA LYS A 281 -5.24 19.12 17.54
C LYS A 281 -6.69 19.60 17.41
N PHE A 282 -7.39 19.16 16.37
CA PHE A 282 -8.79 19.48 16.24
C PHE A 282 -9.52 18.81 17.38
N GLU A 283 -10.70 19.35 17.74
CA GLU A 283 -11.66 18.63 18.57
C GLU A 283 -12.41 17.62 17.72
N TYR A 284 -12.80 16.50 18.32
CA TYR A 284 -13.68 15.56 17.63
C TYR A 284 -15.06 16.18 17.46
N THR A 285 -15.67 15.93 16.30
CA THR A 285 -16.97 16.52 15.98
C THR A 285 -17.85 15.57 15.17
N THR A 286 -19.15 15.71 15.34
CA THR A 286 -20.11 14.97 14.53
C THR A 286 -20.87 15.93 13.61
N SER A 287 -20.36 17.15 13.51
CA SER A 287 -21.12 18.26 12.92
C SER A 287 -21.56 18.13 11.46
N ALA A 288 -20.68 17.59 10.61
CA ALA A 288 -20.95 17.48 9.17
C ALA A 288 -20.61 18.77 8.42
N SER A 289 -20.62 19.89 9.13
CA SER A 289 -20.12 21.16 8.61
C SER A 289 -19.23 21.82 9.64
N PRO A 290 -18.13 21.15 10.01
CA PRO A 290 -17.21 21.66 11.04
C PRO A 290 -16.71 23.04 10.66
N THR A 291 -16.62 23.94 11.64
CA THR A 291 -16.03 25.27 11.48
C THR A 291 -14.87 25.45 12.48
N LEU A 292 -13.78 26.02 12.00
CA LEU A 292 -12.62 26.36 12.82
C LEU A 292 -12.46 27.87 12.89
N VAL A 293 -12.43 28.43 14.10
CA VAL A 293 -12.14 29.86 14.24
C VAL A 293 -11.10 30.03 15.32
N GLN A 294 -10.06 30.79 15.03
CA GLN A 294 -9.01 30.99 16.02
C GLN A 294 -8.49 32.41 15.91
N MET A 295 -8.59 33.14 17.02
CA MET A 295 -8.29 34.57 17.08
C MET A 295 -6.94 34.84 17.73
N ALA A 296 -6.32 35.96 17.39
CA ALA A 296 -5.06 36.33 17.97
C ALA A 296 -5.14 37.81 18.34
N THR A 297 -4.65 38.18 19.52
CA THR A 297 -4.81 39.55 20.00
C THR A 297 -3.51 40.05 20.64
N LEU A 298 -3.08 41.24 20.30
CA LEU A 298 -1.85 41.79 20.88
C LEU A 298 -2.22 43.03 21.69
N THR A 299 -1.74 43.08 22.91
CA THR A 299 -1.93 44.23 23.77
C THR A 299 -0.54 44.72 24.22
N SER A 300 -0.43 46.00 24.53
CA SER A 300 0.81 46.59 25.02
C SER A 300 0.51 47.94 25.70
N ASP A 301 1.41 48.41 26.55
CA ASP A 301 1.17 49.64 27.29
C ASP A 301 0.94 50.81 26.36
N GLY A 302 -0.11 51.58 26.63
CA GLY A 302 -0.34 52.84 25.96
C GLY A 302 -0.86 52.69 24.54
N ASN A 303 -1.22 51.47 24.14
CA ASN A 303 -1.88 51.28 22.85
C ASN A 303 -3.17 50.49 23.02
N ARG A 304 -4.16 50.76 22.18
CA ARG A 304 -5.36 49.94 22.12
C ARG A 304 -4.98 48.56 21.60
N SER A 305 -5.72 47.54 22.01
CA SER A 305 -5.40 46.18 21.59
C SER A 305 -5.76 46.03 20.13
N VAL A 306 -5.15 45.06 19.47
CA VAL A 306 -5.51 44.80 18.09
C VAL A 306 -5.76 43.31 17.99
N SER A 307 -6.83 42.92 17.30
CA SER A 307 -7.15 41.51 17.14
C SER A 307 -7.27 41.17 15.67
N THR A 308 -6.90 39.95 15.35
CA THR A 308 -7.16 39.39 14.05
C THR A 308 -7.49 37.93 14.28
N GLY A 309 -7.73 37.18 13.21
CA GLY A 309 -8.06 35.77 13.35
C GLY A 309 -8.35 35.14 12.01
N ASN A 310 -8.57 33.83 12.00
CA ASN A 310 -8.87 33.13 10.76
C ASN A 310 -9.98 32.13 11.03
N ALA A 311 -10.79 31.87 10.01
CA ALA A 311 -11.83 30.84 10.09
C ALA A 311 -11.77 30.00 8.84
N LEU A 312 -12.14 28.72 8.96
CA LEU A 312 -12.18 27.81 7.82
C LEU A 312 -13.36 26.87 8.06
N GLY A 313 -14.01 26.48 6.98
CA GLY A 313 -15.03 25.45 7.04
C GLY A 313 -14.46 24.15 6.51
N PHE A 314 -15.02 23.03 6.94
CA PHE A 314 -14.61 21.73 6.46
C PHE A 314 -15.85 20.93 6.07
N THR A 315 -15.67 19.94 5.19
CA THR A 315 -16.76 19.08 4.77
C THR A 315 -16.61 17.67 5.31
N ASN A 316 -17.34 17.37 6.39
CA ASN A 316 -17.33 16.04 7.00
C ASN A 316 -17.64 14.95 5.99
N ASN A 317 -16.59 14.39 5.39
CA ASN A 317 -16.73 13.43 4.31
C ASN A 317 -17.22 12.05 4.75
N GLN A 318 -17.14 11.78 6.05
CA GLN A 318 -17.57 10.49 6.58
C GLN A 318 -19.09 10.39 6.63
N SER A 319 -19.74 11.31 7.35
CA SER A 319 -21.19 11.30 7.51
C SER A 319 -21.90 11.27 6.15
N GLY A 320 -22.52 10.13 5.84
CA GLY A 320 -23.18 9.94 4.56
C GLY A 320 -22.28 9.23 3.58
N GLY A 321 -21.20 9.90 3.18
CA GLY A 321 -20.20 9.31 2.30
C GLY A 321 -20.74 8.78 1.00
N ALA A 322 -21.66 9.54 0.39
CA ALA A 322 -22.24 9.19 -0.91
C ALA A 322 -22.63 7.71 -1.01
N ALA A 323 -23.84 7.39 -0.58
CA ALA A 323 -24.40 6.04 -0.64
C ALA A 323 -23.38 4.94 -0.92
N GLN A 324 -22.64 4.54 0.13
CA GLN A 324 -21.67 3.46 0.05
C GLN A 324 -20.73 3.53 -1.17
N GLU A 325 -20.16 2.38 -1.53
CA GLU A 325 -19.19 2.31 -2.63
C GLU A 325 -19.72 1.44 -3.77
N VAL A 326 -19.49 1.90 -5.00
CA VAL A 326 -19.80 1.10 -6.18
C VAL A 326 -18.58 0.98 -7.08
N TYR A 327 -18.59 -0.05 -7.92
CA TYR A 327 -17.44 -0.35 -8.78
C TYR A 327 -17.90 -0.68 -10.19
N LYS A 328 -16.96 -0.82 -11.10
CA LYS A 328 -17.30 -1.10 -12.48
C LYS A 328 -16.67 -2.39 -12.96
N ILE A 329 -17.37 -3.08 -13.84
CA ILE A 329 -16.84 -4.29 -14.43
C ILE A 329 -16.70 -4.09 -15.91
N GLY A 330 -16.02 -5.04 -16.54
CA GLY A 330 -16.19 -5.27 -17.95
C GLY A 330 -14.94 -5.39 -18.77
N ASN A 331 -14.93 -4.63 -19.85
CA ASN A 331 -13.75 -4.01 -20.41
C ASN A 331 -13.20 -4.39 -21.80
N TYR A 332 -13.33 -5.63 -22.28
CA TYR A 332 -12.67 -5.96 -23.57
C TYR A 332 -13.27 -7.09 -24.43
N VAL A 333 -13.66 -6.73 -25.66
CA VAL A 333 -13.99 -7.72 -26.69
C VAL A 333 -12.95 -7.59 -27.81
N TRP A 334 -12.18 -8.65 -28.06
CA TRP A 334 -11.08 -8.57 -29.01
C TRP A 334 -11.15 -9.60 -30.14
N GLU A 335 -10.51 -9.28 -31.27
CA GLU A 335 -10.36 -10.26 -32.34
C GLU A 335 -9.17 -11.17 -32.03
N ASP A 336 -9.49 -12.39 -31.64
CA ASP A 336 -8.50 -13.38 -31.23
C ASP A 336 -7.97 -14.10 -32.45
N THR A 337 -7.11 -13.42 -33.19
CA THR A 337 -6.63 -13.94 -34.48
C THR A 337 -5.94 -15.30 -34.31
N ASN A 338 -5.14 -15.37 -33.25
CA ASN A 338 -4.47 -16.60 -32.81
C ASN A 338 -5.39 -17.79 -32.70
N LYS A 339 -6.64 -17.52 -32.30
CA LYS A 339 -7.56 -18.55 -31.82
C LYS A 339 -7.03 -19.33 -30.60
N ASN A 340 -6.14 -18.75 -29.81
CA ASN A 340 -5.69 -19.41 -28.59
C ASN A 340 -6.51 -19.07 -27.34
N GLY A 341 -7.54 -18.25 -27.49
CA GLY A 341 -8.35 -17.84 -26.36
C GLY A 341 -7.61 -16.90 -25.41
N VAL A 342 -6.46 -16.39 -25.84
CA VAL A 342 -5.65 -15.52 -24.97
C VAL A 342 -5.43 -14.14 -25.61
N GLN A 343 -5.57 -13.09 -24.82
CA GLN A 343 -5.32 -11.74 -25.35
C GLN A 343 -3.81 -11.52 -25.59
N ASP A 344 -3.41 -11.46 -26.85
CA ASP A 344 -2.00 -11.30 -27.18
C ASP A 344 -1.64 -9.88 -27.60
N LEU A 345 -0.45 -9.43 -27.26
CA LEU A 345 0.07 -8.17 -27.79
C LEU A 345 -0.10 -8.21 -29.29
N GLY A 346 -0.65 -7.14 -29.86
CA GLY A 346 -0.85 -7.06 -31.30
C GLY A 346 -2.29 -7.22 -31.75
N GLU A 347 -3.07 -8.00 -30.98
CA GLU A 347 -4.49 -8.19 -31.30
C GLU A 347 -5.27 -6.96 -30.82
N VAL A 348 -6.38 -6.64 -31.48
CA VAL A 348 -7.13 -5.42 -31.17
C VAL A 348 -8.64 -5.64 -30.93
N GLY A 349 -9.30 -4.60 -30.41
CA GLY A 349 -10.68 -4.70 -29.99
C GLY A 349 -11.68 -4.79 -31.11
N VAL A 350 -12.90 -5.18 -30.76
CA VAL A 350 -14.01 -5.24 -31.71
C VAL A 350 -15.13 -4.28 -31.27
N LYS A 351 -15.51 -3.39 -32.17
CA LYS A 351 -16.49 -2.35 -31.86
C LYS A 351 -17.93 -2.84 -32.04
N GLY A 352 -18.88 -2.23 -31.34
CA GLY A 352 -20.28 -2.50 -31.58
C GLY A 352 -20.87 -3.78 -31.00
N VAL A 353 -20.16 -4.42 -30.09
CA VAL A 353 -20.69 -5.60 -29.44
C VAL A 353 -21.50 -5.19 -28.21
N THR A 354 -22.71 -5.73 -28.10
CA THR A 354 -23.54 -5.43 -26.94
C THR A 354 -23.13 -6.29 -25.74
N VAL A 355 -23.07 -5.66 -24.57
CA VAL A 355 -22.74 -6.36 -23.34
C VAL A 355 -23.80 -6.06 -22.28
N VAL A 356 -24.28 -7.09 -21.60
CA VAL A 356 -25.31 -6.92 -20.57
C VAL A 356 -24.94 -7.62 -19.26
N ALA A 357 -25.12 -6.92 -18.14
CA ALA A 357 -24.86 -7.51 -16.83
C ALA A 357 -26.14 -7.67 -16.01
N TYR A 358 -26.29 -8.86 -15.42
CA TYR A 358 -27.42 -9.18 -14.55
C TYR A 358 -26.89 -9.63 -13.19
N ASP A 359 -27.64 -9.36 -12.13
CA ASP A 359 -27.27 -9.91 -10.83
C ASP A 359 -27.65 -11.40 -10.78
N ASN A 360 -26.65 -12.25 -10.59
CA ASN A 360 -26.85 -13.69 -10.59
C ASN A 360 -27.96 -14.13 -9.64
N ALA A 361 -27.76 -13.87 -8.35
CA ALA A 361 -28.78 -14.18 -7.34
C ALA A 361 -29.97 -13.23 -7.46
N ALA A 362 -29.77 -11.98 -7.06
CA ALA A 362 -30.83 -10.97 -7.05
C ALA A 362 -31.92 -11.16 -8.10
N ALA A 363 -31.75 -10.54 -9.26
CA ALA A 363 -32.77 -10.64 -10.30
C ALA A 363 -32.14 -10.72 -11.70
N ALA A 364 -32.14 -9.59 -12.38
CA ALA A 364 -31.62 -9.55 -13.75
C ALA A 364 -30.84 -8.27 -14.03
N GLU A 365 -31.23 -7.58 -15.09
CA GLU A 365 -30.40 -6.53 -15.68
C GLU A 365 -30.01 -5.40 -14.72
N VAL A 366 -28.71 -5.27 -14.47
CA VAL A 366 -28.17 -4.20 -13.64
C VAL A 366 -27.39 -3.17 -14.48
N GLY A 367 -27.15 -3.50 -15.74
CA GLY A 367 -26.45 -2.61 -16.65
C GLY A 367 -26.31 -3.20 -18.04
N ARG A 368 -26.01 -2.35 -19.01
CA ARG A 368 -25.75 -2.79 -20.38
C ARG A 368 -25.03 -1.70 -21.16
N THR A 369 -24.32 -2.10 -22.21
CA THR A 369 -23.53 -1.14 -22.98
C THR A 369 -23.11 -1.74 -24.32
N ILE A 370 -22.23 -1.05 -25.03
CA ILE A 370 -21.74 -1.54 -26.32
C ILE A 370 -20.27 -1.18 -26.44
N THR A 371 -19.46 -2.10 -26.99
CA THR A 371 -18.02 -1.87 -27.05
C THR A 371 -17.68 -0.71 -27.98
N ASP A 372 -16.69 0.08 -27.59
CA ASP A 372 -16.26 1.23 -28.37
C ASP A 372 -15.32 0.85 -29.51
N ASP A 373 -14.69 1.86 -30.13
CA ASP A 373 -13.79 1.63 -31.26
C ASP A 373 -12.64 0.68 -30.92
N LYS A 374 -12.20 0.71 -29.67
CA LYS A 374 -11.05 -0.08 -29.21
C LYS A 374 -11.45 -1.43 -28.59
N GLY A 375 -12.73 -1.77 -28.69
CA GLY A 375 -13.22 -3.01 -28.10
C GLY A 375 -13.50 -2.89 -26.61
N GLY A 376 -13.36 -1.69 -26.06
CA GLY A 376 -13.53 -1.46 -24.64
C GLY A 376 -14.97 -1.19 -24.22
N TYR A 377 -15.31 -1.57 -23.01
CA TYR A 377 -16.63 -1.25 -22.45
C TYR A 377 -16.52 -1.21 -20.94
N LEU A 378 -17.47 -0.51 -20.31
CA LEU A 378 -17.59 -0.46 -18.85
C LEU A 378 -19.05 -0.52 -18.42
N ILE A 379 -19.30 -1.17 -17.29
CA ILE A 379 -20.61 -1.11 -16.66
C ILE A 379 -20.43 -0.60 -15.24
N PRO A 380 -20.76 0.68 -15.02
CA PRO A 380 -20.47 1.42 -13.79
C PRO A 380 -21.47 1.14 -12.67
N ASN A 381 -21.19 1.65 -11.47
CA ASN A 381 -22.14 1.67 -10.37
C ASN A 381 -22.61 0.30 -9.86
N LEU A 382 -21.70 -0.65 -9.76
CA LEU A 382 -22.03 -1.98 -9.25
C LEU A 382 -21.51 -2.19 -7.83
N PRO A 383 -22.37 -2.68 -6.93
CA PRO A 383 -21.93 -3.05 -5.58
C PRO A 383 -21.13 -4.34 -5.63
N ASN A 384 -20.62 -4.78 -4.49
CA ASN A 384 -20.01 -6.11 -4.42
C ASN A 384 -21.07 -7.15 -4.75
N GLY A 385 -20.64 -8.26 -5.34
CA GLY A 385 -21.59 -9.31 -5.71
C GLY A 385 -21.18 -10.12 -6.93
N ASP A 386 -22.01 -11.10 -7.27
CA ASP A 386 -21.76 -11.96 -8.40
C ASP A 386 -22.60 -11.53 -9.59
N TYR A 387 -21.97 -11.39 -10.76
CA TYR A 387 -22.69 -10.90 -11.93
C TYR A 387 -22.57 -11.81 -13.14
N ARG A 388 -23.69 -11.98 -13.83
CA ARG A 388 -23.68 -12.69 -15.10
C ARG A 388 -23.57 -11.69 -16.24
N VAL A 389 -22.43 -11.74 -16.93
CA VAL A 389 -22.18 -10.88 -18.08
C VAL A 389 -22.52 -11.68 -19.34
N GLU A 390 -23.33 -11.08 -20.22
CA GLU A 390 -23.74 -11.73 -21.45
C GLU A 390 -23.36 -10.83 -22.64
N PHE A 391 -22.63 -11.40 -23.61
CA PHE A 391 -22.27 -10.69 -24.82
C PHE A 391 -23.21 -11.09 -25.97
N SER A 392 -23.65 -10.11 -26.76
CA SER A 392 -24.57 -10.37 -27.86
C SER A 392 -24.30 -9.43 -29.01
N ASN A 393 -24.96 -9.70 -30.14
CA ASN A 393 -24.84 -8.88 -31.33
C ASN A 393 -23.41 -8.89 -31.90
N LEU A 394 -22.79 -10.06 -31.87
CA LEU A 394 -21.50 -10.24 -32.53
C LEU A 394 -21.68 -9.88 -33.99
N PRO A 395 -20.63 -9.29 -34.60
CA PRO A 395 -20.61 -8.91 -36.03
C PRO A 395 -20.76 -10.13 -36.92
N GLN A 396 -21.46 -9.98 -38.04
CA GLN A 396 -21.67 -11.09 -38.95
C GLN A 396 -20.35 -11.81 -39.28
N GLY A 397 -20.43 -13.14 -39.33
CA GLY A 397 -19.29 -13.95 -39.73
C GLY A 397 -18.30 -14.25 -38.62
N TYR A 398 -18.54 -13.69 -37.42
CA TYR A 398 -17.63 -13.94 -36.30
C TYR A 398 -18.06 -15.11 -35.42
N GLU A 399 -17.05 -15.78 -34.87
CA GLU A 399 -17.22 -16.96 -34.06
C GLU A 399 -16.53 -16.70 -32.73
N VAL A 400 -17.08 -17.26 -31.66
CA VAL A 400 -16.50 -17.14 -30.33
C VAL A 400 -15.29 -18.05 -30.17
N THR A 401 -14.21 -17.50 -29.62
CA THR A 401 -12.97 -18.23 -29.43
C THR A 401 -13.08 -19.14 -28.21
N PRO A 402 -12.17 -20.13 -28.09
CA PRO A 402 -12.13 -21.03 -26.92
C PRO A 402 -12.12 -20.28 -25.59
N SER A 403 -12.95 -20.73 -24.65
CA SER A 403 -13.12 -20.06 -23.38
C SER A 403 -12.09 -20.47 -22.32
N LYS A 404 -11.86 -19.57 -21.37
CA LYS A 404 -10.99 -19.82 -20.23
C LYS A 404 -9.71 -20.61 -20.55
N GLN A 405 -8.96 -20.18 -21.55
CA GLN A 405 -7.67 -20.81 -21.85
C GLN A 405 -6.61 -20.21 -20.94
N GLY A 406 -5.51 -20.92 -20.78
CA GLY A 406 -4.46 -20.47 -19.87
C GLY A 406 -4.94 -20.51 -18.43
N ASN A 407 -4.12 -19.98 -17.53
CA ASN A 407 -4.45 -19.98 -16.11
C ASN A 407 -4.54 -18.55 -15.63
N ASN A 408 -4.74 -17.63 -16.57
CA ASN A 408 -4.87 -16.23 -16.25
C ASN A 408 -6.25 -15.71 -16.66
N GLU A 409 -7.13 -15.56 -15.67
CA GLU A 409 -8.49 -15.09 -15.93
C GLU A 409 -8.57 -13.61 -16.30
N GLU A 410 -7.43 -12.93 -16.32
CA GLU A 410 -7.41 -11.56 -16.82
C GLU A 410 -7.10 -11.51 -18.32
N LEU A 411 -6.54 -12.58 -18.86
CA LEU A 411 -6.08 -12.53 -20.25
C LEU A 411 -6.82 -13.50 -21.18
N ASP A 412 -7.82 -14.20 -20.65
CA ASP A 412 -8.59 -15.17 -21.42
C ASP A 412 -9.91 -14.60 -21.96
N SER A 413 -10.73 -15.46 -22.55
CA SER A 413 -12.08 -15.11 -22.99
C SER A 413 -13.07 -15.80 -22.06
N ASN A 414 -14.10 -15.07 -21.62
CA ASN A 414 -15.10 -15.63 -20.72
C ASN A 414 -16.16 -16.47 -21.42
N GLY A 415 -16.32 -16.26 -22.73
CA GLY A 415 -17.45 -16.85 -23.42
C GLY A 415 -18.64 -15.90 -23.31
N VAL A 416 -19.64 -16.09 -24.17
CA VAL A 416 -20.75 -15.15 -24.25
C VAL A 416 -21.54 -15.02 -22.95
N SER A 417 -21.33 -15.95 -22.03
CA SER A 417 -22.02 -15.92 -20.75
C SER A 417 -21.19 -16.51 -19.64
N SER A 418 -21.04 -15.75 -18.55
CA SER A 418 -20.21 -16.16 -17.42
C SER A 418 -20.53 -15.33 -16.18
N VAL A 419 -20.07 -15.81 -15.02
CA VAL A 419 -20.25 -15.08 -13.78
C VAL A 419 -18.92 -14.60 -13.24
N ILE A 420 -18.85 -13.30 -12.93
CA ILE A 420 -17.67 -12.71 -12.36
C ILE A 420 -18.02 -12.10 -11.00
N THR A 421 -17.01 -11.90 -10.16
CA THR A 421 -17.25 -11.41 -8.81
C THR A 421 -16.63 -10.04 -8.55
N VAL A 422 -17.45 -9.10 -8.10
CA VAL A 422 -16.98 -7.79 -7.67
C VAL A 422 -16.82 -7.77 -6.16
N ASN A 423 -15.65 -7.34 -5.70
CA ASN A 423 -15.37 -7.27 -4.26
C ASN A 423 -14.33 -6.20 -3.92
N GLY A 424 -14.81 -4.98 -3.70
CA GLY A 424 -13.94 -3.91 -3.23
C GLY A 424 -13.15 -3.19 -4.30
N LYS A 425 -13.22 -3.70 -5.53
CA LYS A 425 -12.52 -3.07 -6.64
C LYS A 425 -13.25 -3.32 -7.96
N ASP A 426 -12.77 -2.67 -9.01
CA ASP A 426 -13.29 -2.94 -10.34
C ASP A 426 -12.91 -4.36 -10.74
N ASN A 427 -13.79 -5.03 -11.46
CA ASN A 427 -13.44 -6.29 -12.08
C ASN A 427 -13.48 -6.11 -13.59
N LEU A 428 -12.31 -5.95 -14.18
CA LEU A 428 -12.20 -5.67 -15.60
C LEU A 428 -11.86 -6.93 -16.41
N SER A 429 -12.13 -8.09 -15.82
CA SER A 429 -11.69 -9.35 -16.42
C SER A 429 -12.77 -10.05 -17.24
N ALA A 430 -13.93 -9.40 -17.38
CA ALA A 430 -15.03 -9.96 -18.15
C ALA A 430 -14.84 -9.65 -19.63
N ASP A 431 -14.02 -10.47 -20.31
CA ASP A 431 -13.65 -10.19 -21.68
C ASP A 431 -14.12 -11.31 -22.63
N LEU A 432 -14.26 -11.00 -23.92
CA LEU A 432 -14.73 -11.95 -24.91
C LEU A 432 -13.81 -11.91 -26.13
N GLY A 433 -13.30 -13.06 -26.51
CA GLY A 433 -12.49 -13.15 -27.71
C GLY A 433 -13.29 -13.78 -28.83
N ILE A 434 -13.22 -13.19 -30.02
CA ILE A 434 -13.92 -13.70 -31.22
C ILE A 434 -12.98 -13.73 -32.44
N TYR A 435 -13.31 -14.56 -33.42
CA TYR A 435 -12.50 -14.66 -34.64
C TYR A 435 -13.40 -14.81 -35.87
N LYS A 436 -12.85 -14.47 -37.03
CA LYS A 436 -13.56 -14.63 -38.28
C LYS A 436 -12.97 -15.79 -39.05
N PRO A 437 -13.72 -16.90 -39.13
CA PRO A 437 -13.30 -18.00 -40.00
C PRO A 437 -13.35 -17.53 -41.45
N LYS A 438 -12.53 -18.11 -42.31
CA LYS A 438 -12.57 -17.75 -43.72
C LYS A 438 -13.96 -18.02 -44.25
N TYR A 439 -14.39 -17.29 -45.28
CA TYR A 439 -15.71 -17.52 -45.85
C TYR A 439 -15.84 -18.95 -46.37
N ASN A 440 -16.96 -19.57 -46.04
CA ASN A 440 -17.21 -20.95 -46.44
C ASN A 440 -18.47 -21.01 -47.29
N LEU A 441 -18.39 -20.46 -48.50
CA LEU A 441 -19.59 -20.25 -49.32
C LEU A 441 -19.99 -21.42 -50.22
N GLY A 442 -21.29 -21.61 -50.35
CA GLY A 442 -21.85 -22.61 -51.23
C GLY A 442 -21.38 -24.01 -50.93
N ASP A 443 -21.46 -24.86 -51.96
CA ASP A 443 -21.03 -26.25 -51.87
C ASP A 443 -19.53 -26.36 -52.12
N TYR A 444 -18.96 -27.55 -51.96
CA TYR A 444 -17.59 -27.80 -52.40
C TYR A 444 -17.49 -29.10 -53.22
N ALA A 445 -16.79 -29.01 -54.35
CA ALA A 445 -16.60 -30.16 -55.24
C ALA A 445 -15.37 -29.94 -56.11
N ALA B 1 22.72 -27.84 -13.46
CA ALA B 1 23.26 -26.58 -13.96
C ALA B 1 22.35 -25.40 -13.59
N ASN B 2 22.76 -24.21 -13.98
CA ASN B 2 22.01 -22.99 -13.65
C ASN B 2 21.38 -22.35 -14.90
N VAL B 3 20.07 -22.57 -15.07
CA VAL B 3 19.37 -22.12 -16.27
C VAL B 3 18.77 -20.71 -16.16
N ASN B 4 19.47 -19.83 -15.45
CA ASN B 4 19.02 -18.44 -15.34
C ASN B 4 18.81 -17.82 -16.72
N ASP B 5 19.57 -18.33 -17.69
CA ASP B 5 19.57 -17.77 -19.04
C ASP B 5 18.47 -18.38 -19.90
N LEU B 6 17.90 -19.48 -19.42
CA LEU B 6 16.87 -20.20 -20.18
C LEU B 6 15.43 -19.95 -19.68
N ILE B 7 15.27 -19.00 -18.76
CA ILE B 7 13.92 -18.63 -18.33
C ILE B 7 13.59 -17.19 -18.69
N THR B 8 12.29 -16.92 -18.85
CA THR B 8 11.78 -15.60 -19.19
C THR B 8 10.47 -15.34 -18.44
N SER B 9 10.17 -14.08 -18.16
CA SER B 9 9.01 -13.75 -17.33
C SER B 9 8.38 -12.38 -17.61
N ASN B 10 7.11 -12.24 -17.21
CA ASN B 10 6.40 -10.97 -17.24
C ASN B 10 5.95 -10.63 -15.81
N THR B 11 6.61 -9.66 -15.20
CA THR B 11 6.47 -9.43 -13.77
C THR B 11 5.95 -8.04 -13.40
N THR B 12 5.33 -7.94 -12.23
CA THR B 12 4.93 -6.67 -11.68
C THR B 12 5.21 -6.60 -10.17
N LEU B 13 5.86 -5.52 -9.75
CA LEU B 13 6.19 -5.31 -8.35
C LEU B 13 5.56 -4.00 -7.90
N THR B 14 4.59 -4.10 -7.01
CA THR B 14 3.74 -2.98 -6.66
C THR B 14 3.76 -2.75 -5.16
N VAL B 15 4.06 -1.54 -4.75
CA VAL B 15 3.96 -1.20 -3.34
C VAL B 15 2.49 -1.07 -2.99
N VAL B 16 2.08 -1.80 -1.96
CA VAL B 16 0.70 -1.79 -1.52
C VAL B 16 0.58 -1.01 -0.21
N ASP B 17 -0.20 0.05 -0.23
CA ASP B 17 -0.49 0.81 0.97
C ASP B 17 -1.61 0.12 1.76
N ALA B 18 -1.24 -0.81 2.62
CA ALA B 18 -2.20 -1.71 3.27
C ALA B 18 -3.19 -1.02 4.20
N ILE B 19 -2.79 0.11 4.77
CA ILE B 19 -3.62 0.83 5.73
C ILE B 19 -4.27 2.06 5.08
N LYS B 20 -4.18 2.11 3.75
CA LYS B 20 -4.76 3.21 2.96
C LYS B 20 -4.66 4.55 3.66
N ASN B 21 -3.43 4.99 3.94
CA ASN B 21 -3.21 6.31 4.51
C ASN B 21 -2.21 7.10 3.67
N ASN B 22 -2.12 6.74 2.39
CA ASN B 22 -1.15 7.32 1.45
C ASN B 22 0.23 7.58 2.04
N LYS B 23 0.65 6.74 2.99
CA LYS B 23 1.99 6.81 3.54
C LYS B 23 2.65 5.44 3.44
N ILE B 24 3.92 5.40 3.09
CA ILE B 24 4.60 4.12 3.02
C ILE B 24 5.59 3.93 4.17
N VAL B 25 5.29 2.95 5.01
CA VAL B 25 6.07 2.63 6.19
C VAL B 25 6.30 1.12 6.19
N PRO B 26 7.56 0.70 6.25
CA PRO B 26 7.86 -0.74 6.21
C PRO B 26 7.05 -1.57 7.23
N ALA B 27 6.75 -1.01 8.40
CA ALA B 27 6.03 -1.78 9.42
C ALA B 27 4.59 -2.10 9.02
N GLN B 28 3.96 -1.23 8.24
CA GLN B 28 2.55 -1.37 7.93
C GLN B 28 2.30 -1.82 6.48
N ASP B 29 3.21 -1.47 5.59
CA ASP B 29 2.94 -1.65 4.18
C ASP B 29 3.73 -2.83 3.61
N TYR B 30 3.55 -3.14 2.34
CA TYR B 30 4.24 -4.27 1.75
C TYR B 30 4.27 -4.19 0.23
N LEU B 31 4.85 -5.21 -0.39
CA LEU B 31 4.98 -5.25 -1.84
C LEU B 31 4.27 -6.46 -2.42
N ALA B 32 3.62 -6.29 -3.56
CA ALA B 32 3.03 -7.42 -4.27
C ALA B 32 3.87 -7.79 -5.50
N LEU B 33 4.39 -9.01 -5.50
CA LEU B 33 5.16 -9.53 -6.63
C LEU B 33 4.37 -10.55 -7.45
N LYS B 34 3.92 -10.16 -8.64
CA LYS B 34 3.20 -11.06 -9.53
C LYS B 34 4.02 -11.31 -10.79
N SER B 35 4.12 -12.57 -11.21
CA SER B 35 4.97 -12.92 -12.34
C SER B 35 4.52 -14.20 -13.06
N GLN B 36 4.62 -14.18 -14.39
CA GLN B 36 4.41 -15.39 -15.18
C GLN B 36 5.70 -15.76 -15.89
N ILE B 37 6.19 -16.95 -15.61
CA ILE B 37 7.53 -17.35 -16.04
C ILE B 37 7.51 -18.41 -17.15
N LYS B 38 8.06 -18.08 -18.31
CA LYS B 38 8.20 -19.05 -19.39
C LYS B 38 9.52 -19.80 -19.28
N VAL B 39 9.44 -21.13 -19.27
CA VAL B 39 10.63 -21.96 -19.22
C VAL B 39 10.89 -22.61 -20.57
N ASP B 40 12.09 -22.41 -21.10
CA ASP B 40 12.46 -23.01 -22.37
C ASP B 40 12.41 -24.53 -22.25
N ASP B 41 11.90 -25.18 -23.29
CA ASP B 41 11.73 -26.64 -23.27
C ASP B 41 13.07 -27.34 -23.07
N LYS B 42 14.15 -26.64 -23.38
CA LYS B 42 15.50 -27.20 -23.27
C LYS B 42 15.86 -27.59 -21.84
N VAL B 43 15.34 -26.84 -20.87
CA VAL B 43 15.62 -27.07 -19.45
C VAL B 43 15.28 -28.50 -19.01
N LYS B 44 16.23 -29.14 -18.33
CA LYS B 44 16.01 -30.47 -17.77
C LYS B 44 15.84 -30.40 -16.26
N SER B 45 15.69 -31.57 -15.62
CA SER B 45 15.49 -31.62 -14.17
C SER B 45 16.80 -31.36 -13.42
N GLY B 46 16.69 -31.00 -12.14
CA GLY B 46 17.85 -30.72 -11.32
C GLY B 46 18.55 -29.44 -11.72
N ASP B 47 18.11 -28.82 -12.81
CA ASP B 47 18.57 -27.48 -13.17
C ASP B 47 17.76 -26.47 -12.37
N TYR B 48 18.38 -25.33 -12.04
CA TYR B 48 17.73 -24.36 -11.14
C TYR B 48 17.83 -22.91 -11.59
N PHE B 49 16.87 -22.10 -11.16
CA PHE B 49 16.92 -20.66 -11.38
C PHE B 49 16.77 -19.92 -10.06
N THR B 50 17.38 -18.75 -9.97
CA THR B 50 17.32 -18.00 -8.73
C THR B 50 16.31 -16.86 -8.83
N ILE B 51 15.76 -16.51 -7.68
CA ILE B 51 15.11 -15.23 -7.52
C ILE B 51 15.93 -14.53 -6.44
N LYS B 52 16.41 -13.32 -6.75
CA LYS B 52 17.10 -12.52 -5.76
C LYS B 52 16.41 -11.16 -5.64
N TYR B 53 16.61 -10.49 -4.50
CA TYR B 53 15.90 -9.26 -4.25
C TYR B 53 16.78 -8.26 -3.50
N SER B 54 16.52 -6.98 -3.71
CA SER B 54 17.36 -5.91 -3.18
C SER B 54 17.48 -5.97 -1.66
N ASP B 55 18.49 -5.29 -1.12
CA ASP B 55 18.69 -5.32 0.32
C ASP B 55 17.50 -4.70 1.03
N THR B 56 16.79 -3.85 0.31
CA THR B 56 15.59 -3.16 0.80
C THR B 56 14.38 -4.08 0.91
N VAL B 57 14.52 -5.32 0.44
CA VAL B 57 13.41 -6.27 0.46
C VAL B 57 13.67 -7.46 1.40
N GLN B 58 12.62 -7.93 2.06
CA GLN B 58 12.70 -9.20 2.77
C GLN B 58 11.40 -10.01 2.56
N VAL B 59 11.44 -11.31 2.79
CA VAL B 59 10.34 -12.19 2.41
C VAL B 59 9.41 -12.59 3.56
N TYR B 60 9.61 -12.01 4.75
CA TYR B 60 8.74 -12.26 5.89
C TYR B 60 8.50 -10.98 6.69
N GLY B 61 7.39 -10.92 7.40
CA GLY B 61 7.10 -9.80 8.28
C GLY B 61 7.57 -10.04 9.70
N LEU B 62 6.72 -9.70 10.67
CA LEU B 62 7.02 -9.95 12.09
C LEU B 62 7.13 -11.44 12.39
N ASN B 63 6.50 -12.28 11.59
CA ASN B 63 6.57 -13.72 11.85
C ASN B 63 7.53 -14.45 10.92
N PRO B 64 8.73 -14.76 11.43
CA PRO B 64 9.78 -15.44 10.65
C PRO B 64 9.28 -16.76 10.08
N GLU B 65 8.13 -17.23 10.54
CA GLU B 65 7.55 -18.47 10.01
C GLU B 65 6.78 -18.24 8.72
N ASP B 66 6.42 -16.99 8.44
CA ASP B 66 5.73 -16.64 7.19
C ASP B 66 6.54 -17.02 5.95
N ILE B 67 7.82 -17.28 6.15
CA ILE B 67 8.72 -17.62 5.05
C ILE B 67 8.17 -18.81 4.27
N LYS B 68 7.41 -19.64 4.97
CA LYS B 68 6.81 -20.82 4.34
C LYS B 68 5.79 -20.45 3.26
N ASN B 69 5.25 -19.23 3.32
CA ASN B 69 4.29 -18.78 2.31
C ASN B 69 4.86 -18.70 0.89
N ILE B 70 6.18 -18.62 0.80
CA ILE B 70 6.86 -18.69 -0.48
C ILE B 70 7.57 -20.04 -0.57
N GLY B 71 7.03 -20.93 -1.38
CA GLY B 71 7.55 -22.29 -1.48
C GLY B 71 7.60 -22.88 -2.88
N ASP B 72 7.54 -24.20 -2.97
CA ASP B 72 7.64 -24.93 -4.24
C ASP B 72 6.59 -24.54 -5.28
N ILE B 73 7.02 -24.44 -6.54
CA ILE B 73 6.14 -24.07 -7.63
C ILE B 73 5.34 -25.26 -8.14
N LYS B 74 4.04 -25.09 -8.30
CA LYS B 74 3.14 -26.19 -8.61
C LYS B 74 2.29 -25.93 -9.86
N ASP B 75 1.86 -27.01 -10.51
CA ASP B 75 0.86 -26.95 -11.57
C ASP B 75 -0.51 -27.02 -10.90
N PRO B 76 -1.37 -26.00 -11.13
CA PRO B 76 -2.68 -25.98 -10.46
C PRO B 76 -3.64 -27.01 -11.04
N ASN B 77 -3.38 -27.44 -12.28
CA ASN B 77 -4.26 -28.38 -12.95
C ASN B 77 -3.98 -29.83 -12.60
N ASN B 78 -2.72 -30.16 -12.34
CA ASN B 78 -2.37 -31.53 -11.98
C ASN B 78 -1.52 -31.63 -10.70
N GLY B 79 -1.34 -30.49 -10.04
CA GLY B 79 -0.77 -30.46 -8.70
C GLY B 79 0.71 -30.76 -8.59
N GLU B 80 1.31 -31.20 -9.68
CA GLU B 80 2.71 -31.60 -9.66
C GLU B 80 3.63 -30.43 -9.34
N THR B 81 4.74 -30.73 -8.66
CA THR B 81 5.73 -29.72 -8.35
C THR B 81 6.64 -29.51 -9.56
N ILE B 82 6.69 -28.26 -10.01
CA ILE B 82 7.50 -27.89 -11.16
C ILE B 82 8.93 -27.55 -10.73
N ALA B 83 9.05 -26.95 -9.55
CA ALA B 83 10.36 -26.60 -8.99
C ALA B 83 10.33 -26.52 -7.47
N THR B 84 11.44 -26.90 -6.85
CA THR B 84 11.57 -26.86 -5.40
C THR B 84 12.17 -25.54 -4.93
N ALA B 85 11.53 -24.91 -3.95
CA ALA B 85 12.01 -23.65 -3.38
C ALA B 85 12.94 -23.86 -2.19
N LYS B 86 14.03 -23.10 -2.18
CA LYS B 86 14.99 -23.14 -1.09
C LYS B 86 15.43 -21.72 -0.73
N HIS B 87 15.14 -21.31 0.50
CA HIS B 87 15.42 -19.95 0.97
C HIS B 87 16.83 -19.78 1.52
N ASP B 88 17.49 -18.71 1.09
CA ASP B 88 18.71 -18.24 1.73
C ASP B 88 18.52 -16.77 2.07
N THR B 89 17.71 -16.49 3.08
CA THR B 89 17.39 -15.10 3.40
C THR B 89 18.67 -14.31 3.66
N ALA B 90 19.67 -14.98 4.21
CA ALA B 90 20.92 -14.31 4.56
C ALA B 90 21.62 -13.73 3.33
N ASN B 91 21.31 -14.27 2.16
CA ASN B 91 21.88 -13.78 0.91
C ASN B 91 20.82 -13.26 -0.08
N ASN B 92 19.63 -12.94 0.44
CA ASN B 92 18.54 -12.40 -0.35
C ASN B 92 18.27 -13.20 -1.61
N LEU B 93 18.18 -14.51 -1.46
CA LEU B 93 18.06 -15.40 -2.60
C LEU B 93 17.05 -16.52 -2.34
N ILE B 94 16.30 -16.88 -3.37
CA ILE B 94 15.51 -18.09 -3.35
C ILE B 94 15.97 -18.91 -4.56
N THR B 95 16.26 -20.19 -4.35
CA THR B 95 16.64 -21.06 -5.46
C THR B 95 15.51 -22.05 -5.80
N TYR B 96 15.21 -22.14 -7.10
CA TYR B 96 14.18 -23.04 -7.58
C TYR B 96 14.78 -24.12 -8.48
N THR B 97 14.98 -25.29 -7.90
CA THR B 97 15.53 -26.43 -8.63
C THR B 97 14.42 -27.24 -9.30
N PHE B 98 14.40 -27.22 -10.64
CA PHE B 98 13.39 -27.95 -11.40
C PHE B 98 13.39 -29.46 -11.12
N THR B 99 12.23 -30.07 -11.28
CA THR B 99 12.05 -31.51 -11.08
C THR B 99 11.86 -32.23 -12.41
N ASP B 100 11.53 -33.51 -12.34
CA ASP B 100 11.31 -34.30 -13.56
C ASP B 100 10.09 -33.84 -14.33
N TYR B 101 9.45 -32.79 -13.85
CA TYR B 101 8.28 -32.22 -14.50
C TYR B 101 8.65 -31.67 -15.86
N VAL B 102 9.80 -31.00 -15.93
CA VAL B 102 10.27 -30.39 -17.17
C VAL B 102 10.84 -31.42 -18.14
N ASP B 103 11.06 -32.64 -17.64
CA ASP B 103 11.52 -33.75 -18.47
C ASP B 103 10.34 -34.45 -19.13
N ARG B 104 9.15 -34.20 -18.59
CA ARG B 104 7.95 -34.88 -19.05
C ARG B 104 7.06 -33.98 -19.87
N PHE B 105 6.98 -32.70 -19.49
CA PHE B 105 6.17 -31.73 -20.23
C PHE B 105 7.05 -30.72 -20.95
N ASN B 106 6.40 -29.82 -21.70
CA ASN B 106 7.10 -28.77 -22.43
C ASN B 106 6.22 -27.55 -22.63
N SER B 107 6.82 -26.45 -23.11
CA SER B 107 6.13 -25.17 -23.16
C SER B 107 5.70 -24.77 -21.75
N VAL B 108 6.57 -25.07 -20.79
CA VAL B 108 6.26 -24.92 -19.37
C VAL B 108 6.15 -23.46 -18.93
N GLN B 109 5.04 -23.13 -18.26
CA GLN B 109 4.88 -21.82 -17.65
C GLN B 109 4.59 -21.94 -16.16
N MET B 110 5.31 -21.14 -15.37
CA MET B 110 5.13 -21.11 -13.92
C MET B 110 4.67 -19.73 -13.47
N GLY B 111 3.66 -19.70 -12.60
CA GLY B 111 3.13 -18.45 -12.10
C GLY B 111 3.35 -18.29 -10.60
N ILE B 112 3.97 -17.19 -10.22
CA ILE B 112 4.20 -16.89 -8.80
C ILE B 112 3.38 -15.67 -8.39
N ASN B 113 2.86 -15.69 -7.17
CA ASN B 113 2.07 -14.57 -6.66
C ASN B 113 2.33 -14.39 -5.16
N TYR B 114 3.34 -13.59 -4.83
CA TYR B 114 3.81 -13.48 -3.46
C TYR B 114 3.55 -12.11 -2.84
N SER B 115 3.42 -12.09 -1.52
CA SER B 115 3.48 -10.84 -0.76
C SER B 115 4.86 -10.74 -0.15
N ILE B 116 5.59 -9.68 -0.47
CA ILE B 116 6.90 -9.51 0.12
C ILE B 116 7.00 -8.17 0.86
N TYR B 117 8.05 -8.02 1.66
CA TYR B 117 8.10 -6.93 2.62
C TYR B 117 9.31 -6.03 2.48
N MET B 118 9.26 -4.89 3.16
CA MET B 118 10.35 -3.92 3.14
C MET B 118 11.26 -4.15 4.32
N ASP B 119 12.54 -4.30 4.04
CA ASP B 119 13.51 -4.52 5.10
C ASP B 119 14.10 -3.17 5.46
N ALA B 120 14.02 -2.82 6.75
CA ALA B 120 14.43 -1.49 7.21
C ALA B 120 15.93 -1.34 7.49
N ASP B 121 16.67 -2.45 7.38
CA ASP B 121 18.09 -2.47 7.72
C ASP B 121 18.89 -1.34 7.05
N THR B 122 18.60 -1.06 5.78
CA THR B 122 19.29 0.00 5.07
C THR B 122 18.39 1.20 4.82
N ILE B 123 17.31 1.29 5.58
CA ILE B 123 16.44 2.46 5.51
C ILE B 123 16.29 3.01 6.91
N PRO B 124 17.35 3.61 7.46
CA PRO B 124 17.39 4.09 8.85
C PRO B 124 16.53 5.33 9.02
N VAL B 125 16.34 6.07 7.94
CA VAL B 125 15.61 7.33 8.03
C VAL B 125 14.67 7.54 6.86
N SER B 126 13.76 8.50 7.01
CA SER B 126 12.78 8.75 5.97
C SER B 126 13.51 9.12 4.71
N LYS B 127 12.96 8.75 3.57
CA LYS B 127 13.68 9.02 2.33
C LYS B 127 12.76 8.90 1.14
N ASN B 128 13.03 9.71 0.12
CA ASN B 128 12.26 9.62 -1.12
C ASN B 128 12.91 8.69 -2.14
N ASP B 129 12.05 7.97 -2.85
CA ASP B 129 12.50 7.07 -3.90
C ASP B 129 13.49 6.02 -3.43
N VAL B 130 13.17 5.35 -2.33
CA VAL B 130 13.89 4.13 -1.98
C VAL B 130 13.53 3.07 -3.01
N GLU B 131 14.53 2.37 -3.54
CA GLU B 131 14.29 1.36 -4.57
C GLU B 131 14.04 -0.02 -3.99
N PHE B 132 13.04 -0.71 -4.54
CA PHE B 132 12.80 -2.10 -4.21
C PHE B 132 12.82 -2.87 -5.50
N ASN B 133 13.59 -3.96 -5.55
CA ASN B 133 13.64 -4.76 -6.77
C ASN B 133 13.75 -6.24 -6.52
N VAL B 134 13.50 -6.99 -7.58
CA VAL B 134 13.51 -8.44 -7.56
C VAL B 134 14.08 -8.93 -8.89
N THR B 135 15.03 -9.86 -8.83
CA THR B 135 15.62 -10.41 -10.04
C THR B 135 15.18 -11.85 -10.25
N ILE B 136 14.36 -12.06 -11.28
CA ILE B 136 13.87 -13.39 -11.62
C ILE B 136 14.64 -13.92 -12.83
N GLY B 137 15.60 -14.82 -12.57
CA GLY B 137 16.58 -15.17 -13.58
C GLY B 137 17.52 -14.00 -13.81
N ASN B 138 17.31 -13.28 -14.89
CA ASN B 138 18.11 -12.08 -15.19
C ASN B 138 17.20 -10.89 -15.44
N ASP B 139 15.90 -11.13 -15.39
CA ASP B 139 14.90 -10.07 -15.53
C ASP B 139 14.59 -9.46 -14.17
N THR B 140 14.92 -8.19 -14.02
CA THR B 140 14.76 -7.50 -12.74
C THR B 140 13.68 -6.42 -12.78
N THR B 141 12.74 -6.50 -11.84
CA THR B 141 11.69 -5.50 -11.74
C THR B 141 12.01 -4.55 -10.61
N LYS B 142 11.77 -3.25 -10.84
CA LYS B 142 12.04 -2.24 -9.84
C LYS B 142 10.78 -1.47 -9.55
N THR B 143 10.67 -0.96 -8.34
CA THR B 143 9.68 0.06 -8.01
C THR B 143 10.30 0.93 -6.94
N THR B 144 9.70 2.09 -6.66
CA THR B 144 10.22 2.94 -5.61
C THR B 144 9.08 3.42 -4.72
N ALA B 145 9.43 3.95 -3.56
CA ALA B 145 8.45 4.49 -2.64
C ALA B 145 9.05 5.63 -1.84
N ASN B 146 8.21 6.60 -1.48
CA ASN B 146 8.62 7.58 -0.50
C ASN B 146 8.37 7.02 0.90
N ILE B 147 9.46 6.61 1.56
CA ILE B 147 9.37 6.04 2.90
C ILE B 147 9.27 7.14 3.95
N GLN B 148 8.15 7.17 4.65
CA GLN B 148 7.83 8.27 5.55
C GLN B 148 7.60 7.75 6.94
N TYR B 149 8.65 7.71 7.77
CA TYR B 149 8.51 7.22 9.13
C TYR B 149 7.86 8.26 10.03
N PRO B 150 7.01 7.81 10.96
CA PRO B 150 6.43 8.61 12.04
C PRO B 150 7.52 9.29 12.85
N ASP B 151 7.23 10.44 13.44
CA ASP B 151 8.14 11.07 14.38
C ASP B 151 8.12 10.27 15.68
N TYR B 152 9.20 10.33 16.45
CA TYR B 152 9.17 9.80 17.80
C TYR B 152 8.14 10.59 18.59
N VAL B 153 7.66 10.02 19.68
CA VAL B 153 6.71 10.71 20.55
C VAL B 153 7.46 11.52 21.60
N SER B 154 7.10 12.80 21.75
CA SER B 154 7.76 13.70 22.68
C SER B 154 6.78 14.50 23.54
N ARG B 155 7.15 14.71 24.79
CA ARG B 155 6.46 15.61 25.67
C ARG B 155 7.55 16.32 26.42
N ASP B 156 7.60 17.65 26.30
CA ASP B 156 8.72 18.41 26.88
C ASP B 156 10.05 17.78 26.43
N ASN B 157 10.99 17.60 27.35
CA ASN B 157 12.28 16.96 27.02
C ASN B 157 12.26 15.44 26.98
N ASN B 158 11.10 14.85 27.24
CA ASN B 158 10.94 13.38 27.20
C ASN B 158 10.58 12.91 25.82
N SER B 159 11.28 11.87 25.36
CA SER B 159 11.03 11.35 24.03
C SER B 159 11.14 9.82 24.02
N ILE B 160 10.39 9.18 23.14
CA ILE B 160 10.30 7.72 23.14
C ILE B 160 9.75 7.23 21.82
N GLY B 161 10.05 5.98 21.51
CA GLY B 161 9.47 5.31 20.36
C GLY B 161 9.46 3.82 20.63
N SER B 162 8.58 3.08 19.95
CA SER B 162 8.49 1.63 20.16
C SER B 162 7.84 0.92 19.00
N ALA B 163 8.17 -0.36 18.85
CA ALA B 163 7.53 -1.20 17.85
C ALA B 163 7.72 -2.65 18.23
N PHE B 164 6.77 -3.50 17.84
CA PHE B 164 7.00 -4.92 17.93
C PHE B 164 7.91 -5.27 16.75
N THR B 165 8.83 -6.19 16.97
CA THR B 165 9.76 -6.55 15.91
C THR B 165 9.64 -8.03 15.57
N GLU B 166 8.99 -8.80 16.42
CA GLU B 166 8.84 -10.21 16.15
C GLU B 166 7.62 -10.71 16.91
N THR B 167 6.78 -11.49 16.25
CA THR B 167 5.58 -12.02 16.90
C THR B 167 5.32 -13.39 16.35
N VAL B 168 5.24 -14.37 17.25
CA VAL B 168 4.97 -15.75 16.87
C VAL B 168 3.89 -16.28 17.77
N SER B 169 2.64 -16.19 17.30
CA SER B 169 1.49 -16.64 18.06
C SER B 169 1.14 -18.10 17.71
N HIS B 170 1.13 -18.96 18.73
CA HIS B 170 0.65 -20.33 18.59
C HIS B 170 -0.66 -20.44 19.34
N ALA B 171 -1.72 -19.82 18.80
CA ALA B 171 -3.03 -19.88 19.44
C ALA B 171 -3.52 -21.32 19.55
N GLY B 172 -4.12 -21.66 20.68
CA GLY B 172 -4.60 -23.01 20.90
C GLY B 172 -3.58 -23.93 21.56
N ASN B 173 -2.30 -23.77 21.21
CA ASN B 173 -1.24 -24.50 21.89
C ASN B 173 -1.08 -23.97 23.31
N ALA B 174 -1.39 -24.81 24.30
CA ALA B 174 -1.39 -24.36 25.68
C ALA B 174 -0.05 -24.56 26.37
N GLU B 175 0.74 -25.52 25.91
CA GLU B 175 2.08 -25.70 26.45
C GLU B 175 2.97 -24.52 26.05
N ASP B 176 2.92 -24.13 24.79
CA ASP B 176 3.72 -23.01 24.30
C ASP B 176 2.90 -22.13 23.34
N PRO B 177 2.31 -21.04 23.87
CA PRO B 177 1.44 -20.19 23.07
C PRO B 177 2.25 -19.27 22.18
N GLY B 178 3.57 -19.31 22.30
CA GLY B 178 4.41 -18.45 21.47
C GLY B 178 4.97 -17.24 22.18
N TYR B 179 5.60 -16.33 21.43
CA TYR B 179 6.32 -15.23 22.04
C TYR B 179 6.30 -14.02 21.14
N TYR B 180 6.70 -12.87 21.68
CA TYR B 180 6.80 -11.64 20.91
C TYR B 180 7.87 -10.73 21.48
N LYS B 181 8.38 -9.83 20.66
CA LYS B 181 9.45 -8.94 21.07
C LYS B 181 9.06 -7.52 20.77
N GLN B 182 9.36 -6.62 21.71
CA GLN B 182 9.08 -5.23 21.50
C GLN B 182 10.37 -4.46 21.71
N THR B 183 10.62 -3.50 20.83
CA THR B 183 11.79 -2.66 21.02
C THR B 183 11.34 -1.27 21.39
N VAL B 184 11.95 -0.73 22.43
CA VAL B 184 11.72 0.65 22.84
C VAL B 184 12.98 1.51 22.75
N TYR B 185 12.86 2.66 22.09
CA TYR B 185 13.89 3.68 22.11
C TYR B 185 13.60 4.70 23.20
N VAL B 186 14.49 4.76 24.18
CA VAL B 186 14.37 5.72 25.26
C VAL B 186 15.25 6.95 25.00
N ASN B 187 14.67 8.15 25.02
CA ASN B 187 15.46 9.38 24.87
C ASN B 187 16.17 9.44 23.51
N PRO B 188 15.47 9.12 22.42
CA PRO B 188 16.14 9.25 21.12
C PRO B 188 16.52 10.70 20.86
N SER B 189 15.92 11.64 21.59
CA SER B 189 16.29 13.05 21.45
C SER B 189 17.62 13.40 22.15
N GLU B 190 18.18 12.42 22.86
CA GLU B 190 19.45 12.62 23.55
C GLU B 190 19.45 13.87 24.40
N LYS B 191 18.37 14.09 25.14
CA LYS B 191 18.32 15.20 26.09
C LYS B 191 18.99 14.72 27.37
N SER B 192 19.34 15.68 28.22
CA SER B 192 19.88 15.37 29.53
C SER B 192 18.73 15.23 30.51
N LEU B 193 18.49 14.01 31.01
CA LEU B 193 17.38 13.75 31.91
C LEU B 193 17.87 13.28 33.27
N THR B 194 17.13 13.63 34.32
CA THR B 194 17.40 13.11 35.66
C THR B 194 16.21 12.31 36.18
N ASN B 195 16.51 11.32 37.00
CA ASN B 195 15.49 10.43 37.54
C ASN B 195 14.61 9.84 36.41
N ALA B 196 15.25 9.38 35.33
CA ALA B 196 14.48 8.88 34.21
C ALA B 196 14.05 7.45 34.49
N LYS B 197 12.81 7.14 34.20
CA LYS B 197 12.30 5.79 34.41
C LYS B 197 11.38 5.36 33.28
N LEU B 198 11.56 4.11 32.87
CA LEU B 198 10.76 3.52 31.83
C LEU B 198 9.77 2.53 32.44
N LYS B 199 8.51 2.62 32.08
CA LYS B 199 7.57 1.56 32.44
C LYS B 199 7.04 0.91 31.19
N VAL B 200 7.12 -0.42 31.13
CA VAL B 200 6.50 -1.15 30.03
C VAL B 200 5.39 -1.99 30.56
N GLU B 201 4.24 -1.99 29.89
CA GLU B 201 3.13 -2.76 30.43
C GLU B 201 2.22 -3.38 29.39
N ALA B 202 1.91 -4.66 29.58
CA ALA B 202 0.98 -5.31 28.68
C ALA B 202 -0.40 -5.14 29.33
N TYR B 203 -0.84 -3.90 29.43
CA TYR B 203 -2.13 -3.57 30.01
C TYR B 203 -2.70 -2.35 29.33
N HIS B 204 -3.96 -2.42 28.94
CA HIS B 204 -4.67 -1.23 28.46
C HIS B 204 -6.13 -1.41 28.78
N LYS B 205 -6.73 -0.40 29.41
CA LYS B 205 -8.10 -0.58 29.87
C LYS B 205 -9.08 -0.77 28.71
N ASP B 206 -8.68 -0.40 27.50
CA ASP B 206 -9.54 -0.62 26.35
C ASP B 206 -9.38 -2.01 25.72
N TYR B 207 -8.47 -2.82 26.26
CA TYR B 207 -8.22 -4.14 25.71
C TYR B 207 -8.19 -5.21 26.78
N PRO B 208 -9.39 -5.64 27.22
CA PRO B 208 -9.53 -6.64 28.28
C PRO B 208 -9.05 -8.02 27.84
N ASP B 209 -9.18 -8.35 26.54
CA ASP B 209 -8.73 -9.65 26.03
C ASP B 209 -7.27 -9.68 25.52
N ASN B 210 -6.49 -8.69 25.93
CA ASN B 210 -5.04 -8.63 25.65
C ASN B 210 -4.31 -9.94 25.95
N VAL B 211 -3.54 -10.46 24.99
CA VAL B 211 -2.73 -11.67 25.21
C VAL B 211 -1.26 -11.39 25.55
N GLY B 212 -0.91 -10.12 25.66
CA GLY B 212 0.44 -9.79 26.11
C GLY B 212 0.62 -10.16 27.57
N GLN B 213 1.88 -10.28 27.98
CA GLN B 213 2.16 -10.71 29.33
C GLN B 213 3.54 -10.17 29.69
N ILE B 214 3.66 -9.60 30.88
CA ILE B 214 4.94 -9.10 31.36
C ILE B 214 5.09 -9.53 32.81
N ASN B 215 6.13 -10.29 33.11
CA ASN B 215 6.43 -10.68 34.49
C ASN B 215 7.77 -11.38 34.54
N LYS B 216 8.34 -11.49 35.74
CA LYS B 216 9.73 -11.93 35.89
C LYS B 216 9.93 -13.37 35.43
N ASP B 217 8.85 -14.13 35.34
CA ASP B 217 8.96 -15.53 34.96
C ASP B 217 8.85 -15.79 33.46
N VAL B 218 8.27 -14.85 32.71
CA VAL B 218 8.12 -15.06 31.26
C VAL B 218 8.90 -14.01 30.43
N THR B 219 9.36 -12.94 31.08
CA THR B 219 9.93 -11.80 30.34
C THR B 219 11.44 -11.70 30.47
N LYS B 220 12.12 -11.39 29.35
CA LYS B 220 13.54 -11.09 29.34
C LYS B 220 13.84 -9.69 28.76
N ILE B 221 14.74 -8.96 29.42
CA ILE B 221 15.04 -7.59 29.00
C ILE B 221 16.52 -7.38 28.63
N LYS B 222 16.77 -6.77 27.48
CA LYS B 222 18.14 -6.41 27.13
C LYS B 222 18.19 -4.91 26.96
N ILE B 223 19.28 -4.29 27.41
CA ILE B 223 19.40 -2.84 27.34
C ILE B 223 20.72 -2.47 26.71
N TYR B 224 20.66 -1.64 25.67
CA TYR B 224 21.88 -1.21 24.98
C TYR B 224 21.99 0.29 25.04
N GLN B 225 23.19 0.81 25.23
CA GLN B 225 23.40 2.26 25.20
C GLN B 225 23.99 2.70 23.85
N ALA B 226 23.39 3.73 23.26
CA ALA B 226 23.86 4.24 21.97
C ALA B 226 24.81 5.42 22.18
N PRO B 227 25.91 5.46 21.39
CA PRO B 227 26.88 6.55 21.57
C PRO B 227 26.24 7.87 21.16
N LYS B 228 26.81 8.98 21.62
CA LYS B 228 26.37 10.31 21.21
C LYS B 228 26.21 10.45 19.70
N ASP B 229 25.09 11.06 19.29
CA ASP B 229 24.79 11.35 17.88
C ASP B 229 24.59 10.10 17.02
N TYR B 230 24.58 8.94 17.64
CA TYR B 230 24.31 7.73 16.87
C TYR B 230 22.95 7.86 16.20
N VAL B 231 22.86 7.49 14.92
CA VAL B 231 21.58 7.51 14.21
C VAL B 231 20.85 6.19 14.37
N LEU B 232 19.78 6.19 15.18
CA LEU B 232 18.97 5.01 15.41
C LEU B 232 18.11 4.70 14.20
N ASN B 233 17.92 3.42 13.93
CA ASN B 233 17.10 2.98 12.77
C ASN B 233 15.61 3.17 13.06
N LYS B 234 14.93 3.97 12.25
CA LYS B 234 13.53 4.30 12.56
C LYS B 234 12.58 3.15 12.22
N GLY B 235 13.10 2.13 11.56
CA GLY B 235 12.32 0.93 11.28
C GLY B 235 12.44 -0.05 12.43
N TYR B 236 13.14 0.39 13.50
CA TYR B 236 13.43 -0.43 14.67
C TYR B 236 14.19 -1.71 14.36
N ASP B 237 15.00 -1.64 13.30
CA ASP B 237 15.90 -2.74 12.95
C ASP B 237 17.28 -2.43 13.49
N VAL B 238 17.57 -2.85 14.72
CA VAL B 238 18.78 -2.35 15.36
C VAL B 238 19.98 -3.27 15.20
N ASN B 239 21.11 -2.64 14.92
CA ASN B 239 22.39 -3.33 14.86
C ASN B 239 23.04 -3.28 16.22
N THR B 240 22.80 -4.30 17.04
CA THR B 240 23.26 -4.24 18.44
C THR B 240 24.77 -4.30 18.54
N ASN B 241 25.43 -4.92 17.56
CA ASN B 241 26.89 -4.94 17.54
C ASN B 241 27.48 -3.53 17.59
N GLN B 242 26.76 -2.57 17.04
CA GLN B 242 27.23 -1.18 17.05
C GLN B 242 26.97 -0.49 18.38
N LEU B 243 26.20 -1.14 19.26
CA LEU B 243 25.81 -0.50 20.51
C LEU B 243 26.53 -1.14 21.71
N ILE B 244 26.50 -0.47 22.85
CA ILE B 244 27.11 -1.01 24.04
C ILE B 244 26.07 -1.74 24.91
N ASP B 245 26.26 -3.03 25.10
CA ASP B 245 25.32 -3.80 25.94
C ASP B 245 25.54 -3.44 27.41
N VAL B 246 24.61 -2.70 27.99
CA VAL B 246 24.73 -2.30 29.41
C VAL B 246 23.74 -3.07 30.30
N THR B 247 23.22 -4.17 29.79
CA THR B 247 22.21 -4.95 30.51
C THR B 247 22.59 -5.27 31.95
N GLU B 248 23.82 -5.73 32.15
CA GLU B 248 24.29 -6.12 33.49
C GLU B 248 24.35 -4.99 34.51
N GLN B 249 24.55 -3.75 34.05
CA GLN B 249 24.56 -2.60 34.97
C GLN B 249 23.14 -2.25 35.42
N PHE B 250 22.14 -2.90 34.84
CA PHE B 250 20.74 -2.64 35.20
C PHE B 250 20.08 -3.76 35.99
N LYS B 251 20.86 -4.75 36.38
CA LYS B 251 20.31 -5.92 37.08
C LYS B 251 19.48 -5.51 38.30
N ASP B 252 19.95 -4.51 39.04
CA ASP B 252 19.25 -4.05 40.22
C ASP B 252 18.33 -2.87 39.92
N LYS B 253 18.13 -2.57 38.64
CA LYS B 253 17.33 -1.41 38.26
C LYS B 253 16.00 -1.77 37.62
N ILE B 254 15.74 -3.08 37.50
CA ILE B 254 14.57 -3.58 36.82
C ILE B 254 13.61 -4.17 37.83
N THR B 255 12.38 -3.68 37.84
CA THR B 255 11.43 -4.14 38.84
C THR B 255 10.11 -4.53 38.20
N TYR B 256 9.64 -5.74 38.47
CA TYR B 256 8.35 -6.13 37.92
C TYR B 256 7.23 -5.67 38.86
N GLY B 257 6.13 -5.22 38.28
CA GLY B 257 5.00 -4.77 39.08
C GLY B 257 3.65 -5.40 38.74
N ALA B 258 2.63 -4.96 39.45
CA ALA B 258 1.30 -5.49 39.26
C ALA B 258 0.72 -5.18 37.87
N ASN B 259 -0.16 -6.05 37.43
CA ASN B 259 -0.91 -5.81 36.21
C ASN B 259 0.03 -5.71 35.01
N ASP B 260 0.93 -6.70 34.92
CA ASP B 260 1.76 -6.88 33.73
C ASP B 260 2.62 -5.68 33.36
N SER B 261 3.33 -5.14 34.34
CA SER B 261 4.20 -3.99 34.16
C SER B 261 5.60 -4.36 34.60
N VAL B 262 6.57 -3.69 33.98
CA VAL B 262 7.94 -3.76 34.43
C VAL B 262 8.53 -2.34 34.41
N ASN B 263 9.37 -2.03 35.39
CA ASN B 263 9.96 -0.71 35.48
C ASN B 263 11.49 -0.75 35.35
N VAL B 264 12.05 0.18 34.60
CA VAL B 264 13.50 0.24 34.43
C VAL B 264 13.94 1.61 34.92
N ASP B 265 14.76 1.64 35.96
CA ASP B 265 15.25 2.91 36.49
C ASP B 265 16.55 3.34 35.80
N PHE B 266 16.47 4.38 34.98
CA PHE B 266 17.64 4.85 34.24
C PHE B 266 18.44 5.93 34.97
N GLY B 267 17.83 6.60 35.96
CA GLY B 267 18.52 7.67 36.67
C GLY B 267 18.87 8.83 35.75
N SER B 268 20.08 9.35 35.88
CA SER B 268 20.55 10.44 35.02
C SER B 268 21.23 9.93 33.76
N ILE B 269 20.69 10.32 32.61
CA ILE B 269 21.17 9.84 31.32
C ILE B 269 21.17 10.99 30.31
N ASN B 270 22.07 10.90 29.34
CA ASN B 270 22.04 11.86 28.23
C ASN B 270 22.18 11.16 26.87
N ASN B 271 22.40 9.85 26.88
CA ASN B 271 22.37 9.07 25.65
C ASN B 271 20.96 8.53 25.38
N SER B 272 20.75 8.05 24.16
CA SER B 272 19.57 7.27 23.85
C SER B 272 19.84 5.82 24.25
N TYR B 273 18.80 5.10 24.70
CA TYR B 273 18.93 3.68 25.01
C TYR B 273 17.95 2.83 24.21
N VAL B 274 18.38 1.61 23.84
CA VAL B 274 17.53 0.68 23.16
C VAL B 274 17.20 -0.43 24.15
N VAL B 275 15.91 -0.64 24.39
CA VAL B 275 15.45 -1.63 25.34
C VAL B 275 14.70 -2.69 24.58
N MET B 276 15.14 -3.94 24.69
CA MET B 276 14.44 -5.00 23.99
C MET B 276 13.72 -5.92 24.98
N VAL B 277 12.42 -6.04 24.82
CA VAL B 277 11.61 -6.83 25.73
C VAL B 277 11.13 -8.08 25.00
N ASP B 278 11.55 -9.24 25.49
CA ASP B 278 11.19 -10.52 24.88
C ASP B 278 10.30 -11.25 25.88
N THR B 279 9.07 -11.56 25.48
CA THR B 279 8.14 -12.14 26.44
C THR B 279 7.23 -13.19 25.78
N LYS B 280 6.43 -13.90 26.59
CA LYS B 280 5.57 -14.99 26.10
C LYS B 280 4.10 -14.58 25.98
N PHE B 281 3.39 -15.08 24.95
CA PHE B 281 1.95 -14.83 24.86
C PHE B 281 1.24 -15.59 25.95
N GLU B 282 0.11 -15.06 26.40
CA GLU B 282 -0.85 -15.84 27.20
C GLU B 282 -1.58 -16.80 26.29
N TYR B 283 -1.95 -17.97 26.81
CA TYR B 283 -2.81 -18.87 26.07
C TYR B 283 -4.14 -18.19 25.80
N THR B 284 -4.71 -18.42 24.62
CA THR B 284 -6.01 -17.89 24.28
C THR B 284 -6.80 -18.83 23.37
N THR B 285 -8.10 -18.90 23.57
CA THR B 285 -8.97 -19.69 22.70
C THR B 285 -9.65 -18.80 21.66
N SER B 286 -9.52 -17.49 21.84
CA SER B 286 -10.09 -16.51 20.92
C SER B 286 -9.63 -16.78 19.49
N ALA B 287 -10.48 -16.47 18.52
CA ALA B 287 -10.15 -16.60 17.11
C ALA B 287 -9.47 -15.33 16.58
N SER B 288 -9.75 -14.20 17.24
CA SER B 288 -9.13 -12.94 16.87
C SER B 288 -8.49 -12.28 18.10
N PRO B 289 -7.37 -12.84 18.57
CA PRO B 289 -6.64 -12.33 19.74
C PRO B 289 -6.03 -10.96 19.48
N THR B 290 -5.95 -10.14 20.53
CA THR B 290 -5.33 -8.81 20.44
C THR B 290 -4.13 -8.70 21.39
N LEU B 291 -3.10 -7.98 20.93
CA LEU B 291 -1.90 -7.75 21.73
C LEU B 291 -1.67 -6.24 21.83
N VAL B 292 -1.58 -5.73 23.05
CA VAL B 292 -1.30 -4.30 23.26
C VAL B 292 -0.24 -4.18 24.34
N GLN B 293 0.81 -3.42 24.06
CA GLN B 293 1.87 -3.21 25.03
C GLN B 293 2.35 -1.78 24.96
N MET B 294 2.31 -1.13 26.12
CA MET B 294 2.56 0.31 26.26
C MET B 294 3.93 0.59 26.87
N ALA B 295 4.49 1.74 26.54
CA ALA B 295 5.76 2.13 27.10
C ALA B 295 5.67 3.58 27.47
N THR B 296 6.21 3.91 28.64
CA THR B 296 6.09 5.25 29.20
C THR B 296 7.41 5.69 29.85
N LEU B 297 7.87 6.87 29.47
CA LEU B 297 9.09 7.44 30.02
C LEU B 297 8.73 8.62 30.88
N THR B 298 9.23 8.63 32.11
CA THR B 298 9.08 9.77 32.99
C THR B 298 10.45 10.28 33.36
N SER B 299 10.53 11.59 33.62
CA SER B 299 11.74 12.19 34.16
C SER B 299 11.40 13.50 34.92
N ASP B 300 12.30 13.91 35.80
CA ASP B 300 12.08 15.13 36.57
C ASP B 300 11.91 16.33 35.66
N GLY B 301 10.87 17.13 35.91
CA GLY B 301 10.73 18.41 35.25
C GLY B 301 10.15 18.34 33.84
N ASN B 302 9.69 17.16 33.44
CA ASN B 302 9.02 17.00 32.16
C ASN B 302 7.74 16.23 32.37
N ARG B 303 6.73 16.48 31.52
CA ARG B 303 5.55 15.63 31.56
C ARG B 303 5.95 14.25 31.03
N SER B 304 5.31 13.20 31.54
CA SER B 304 5.58 11.86 31.04
C SER B 304 5.21 11.74 29.57
N VAL B 305 5.86 10.82 28.87
CA VAL B 305 5.50 10.55 27.48
C VAL B 305 5.24 9.07 27.35
N SER B 306 4.19 8.70 26.62
CA SER B 306 3.82 7.31 26.48
C SER B 306 3.57 6.99 25.04
N THR B 307 3.83 5.74 24.69
CA THR B 307 3.56 5.25 23.36
C THR B 307 3.22 3.79 23.55
N GLY B 308 2.86 3.09 22.47
CA GLY B 308 2.54 1.68 22.55
C GLY B 308 2.31 1.14 21.16
N ASN B 309 2.06 -0.16 21.09
CA ASN B 309 1.82 -0.82 19.83
C ASN B 309 0.70 -1.83 20.07
N ALA B 310 -0.14 -2.02 19.07
CA ALA B 310 -1.24 -2.97 19.19
C ALA B 310 -1.23 -3.78 17.92
N LEU B 311 -1.57 -5.07 18.07
CA LEU B 311 -1.57 -6.02 16.97
C LEU B 311 -2.75 -6.97 17.11
N GLY B 312 -3.45 -7.20 16.01
CA GLY B 312 -4.53 -8.18 15.98
C GLY B 312 -4.04 -9.48 15.38
N PHE B 313 -4.57 -10.60 15.87
CA PHE B 313 -4.21 -11.92 15.36
C PHE B 313 -5.47 -12.65 14.92
N THR B 314 -5.34 -13.54 13.94
CA THR B 314 -6.51 -14.17 13.33
C THR B 314 -6.54 -15.70 13.46
N ASN B 315 -5.36 -16.32 13.43
CA ASN B 315 -5.24 -17.77 13.56
C ASN B 315 -6.49 -18.56 13.13
N GLU B 324 -5.17 -28.73 7.96
CA GLU B 324 -4.05 -29.23 7.19
C GLU B 324 -4.43 -30.47 6.38
N VAL B 325 -4.70 -30.27 5.09
CA VAL B 325 -5.13 -31.37 4.22
C VAL B 325 -4.30 -31.42 2.93
N TYR B 326 -4.58 -32.41 2.09
CA TYR B 326 -3.84 -32.61 0.84
C TYR B 326 -4.77 -33.06 -0.28
N LYS B 327 -4.20 -33.40 -1.43
CA LYS B 327 -5.01 -33.80 -2.58
C LYS B 327 -4.40 -34.98 -3.34
N ILE B 328 -5.23 -35.64 -4.14
CA ILE B 328 -4.77 -36.78 -4.94
C ILE B 328 -5.09 -36.64 -6.43
N GLY B 329 -4.29 -37.30 -7.26
CA GLY B 329 -4.46 -37.28 -8.70
C GLY B 329 -3.64 -38.40 -9.33
N ASN B 330 -3.26 -38.24 -10.60
CA ASN B 330 -3.50 -37.00 -11.35
C ASN B 330 -3.37 -37.18 -12.87
N TYR B 331 -3.38 -38.42 -13.35
CA TYR B 331 -3.06 -38.67 -14.74
C TYR B 331 -3.77 -39.88 -15.33
N VAL B 332 -4.48 -39.65 -16.43
CA VAL B 332 -5.00 -40.73 -17.24
C VAL B 332 -4.44 -40.52 -18.66
N TRP B 333 -3.74 -41.52 -19.18
CA TRP B 333 -3.06 -41.33 -20.44
C TRP B 333 -3.29 -42.47 -21.41
N GLU B 334 -2.94 -42.23 -22.68
CA GLU B 334 -3.00 -43.29 -23.67
C GLU B 334 -1.68 -44.04 -23.69
N ASP B 335 -1.69 -45.22 -23.07
CA ASP B 335 -0.52 -46.07 -22.98
C ASP B 335 -0.26 -46.73 -24.33
N THR B 336 0.38 -45.99 -25.24
CA THR B 336 0.66 -46.46 -26.59
C THR B 336 1.82 -47.46 -26.60
N ASN B 337 1.82 -48.34 -25.61
CA ASN B 337 2.85 -49.36 -25.46
C ASN B 337 2.26 -50.61 -24.83
N LYS B 338 1.09 -50.46 -24.22
CA LYS B 338 0.45 -51.56 -23.51
C LYS B 338 1.42 -52.16 -22.48
N ASN B 339 2.31 -51.32 -21.97
CA ASN B 339 3.34 -51.78 -21.03
C ASN B 339 3.10 -51.34 -19.59
N GLY B 340 2.05 -50.55 -19.39
CA GLY B 340 1.66 -50.14 -18.05
C GLY B 340 2.44 -48.96 -17.48
N VAL B 341 3.34 -48.39 -18.28
CA VAL B 341 4.23 -47.34 -17.80
C VAL B 341 4.03 -46.01 -18.53
N GLN B 342 4.14 -44.91 -17.79
CA GLN B 342 4.08 -43.58 -18.37
C GLN B 342 5.41 -43.26 -19.04
N ASP B 343 5.40 -43.22 -20.37
CA ASP B 343 6.62 -42.98 -21.15
C ASP B 343 6.58 -41.63 -21.86
N LEU B 344 7.74 -40.97 -21.87
CA LEU B 344 7.91 -39.63 -22.45
C LEU B 344 6.75 -39.14 -23.32
N GLY B 345 6.80 -39.47 -24.61
CA GLY B 345 5.86 -38.93 -25.58
C GLY B 345 4.51 -39.60 -25.63
N GLU B 346 3.97 -39.93 -24.46
CA GLU B 346 2.61 -40.46 -24.35
C GLU B 346 1.70 -39.44 -23.69
N VAL B 347 0.71 -38.97 -24.45
CA VAL B 347 -0.14 -37.86 -24.05
C VAL B 347 -1.33 -38.31 -23.20
N GLY B 348 -1.89 -37.37 -22.44
CA GLY B 348 -3.02 -37.64 -21.56
C GLY B 348 -4.31 -37.87 -22.31
N VAL B 349 -5.39 -38.11 -21.58
CA VAL B 349 -6.69 -38.40 -22.17
C VAL B 349 -7.78 -37.57 -21.50
N LYS B 350 -8.54 -36.82 -22.30
CA LYS B 350 -9.60 -35.97 -21.77
C LYS B 350 -10.93 -36.71 -21.65
N GLY B 351 -11.76 -36.28 -20.71
CA GLY B 351 -13.13 -36.76 -20.61
C GLY B 351 -13.37 -37.85 -19.57
N VAL B 352 -12.32 -38.58 -19.22
CA VAL B 352 -12.43 -39.67 -18.26
C VAL B 352 -12.90 -39.17 -16.88
N THR B 353 -13.78 -39.94 -16.26
CA THR B 353 -14.36 -39.58 -14.97
C THR B 353 -13.59 -40.17 -13.80
N VAL B 354 -13.30 -39.33 -12.80
CA VAL B 354 -12.63 -39.79 -11.60
C VAL B 354 -13.53 -39.55 -10.38
N VAL B 355 -13.59 -40.53 -9.48
CA VAL B 355 -14.41 -40.41 -8.28
C VAL B 355 -13.73 -41.10 -7.09
N ALA B 356 -13.35 -40.30 -6.09
CA ALA B 356 -12.62 -40.82 -4.93
C ALA B 356 -13.53 -41.26 -3.77
N TYR B 357 -13.04 -42.21 -2.99
CA TYR B 357 -13.79 -42.76 -1.84
C TYR B 357 -12.84 -43.08 -0.69
N ALA B 358 -13.32 -42.90 0.54
CA ALA B 358 -12.52 -43.24 1.72
C ALA B 358 -12.65 -44.72 2.06
N ALA B 359 -11.67 -45.52 1.63
CA ALA B 359 -11.71 -46.97 1.81
C ALA B 359 -11.90 -47.36 3.28
N ALA B 360 -11.58 -46.43 4.19
CA ALA B 360 -11.72 -46.69 5.61
C ALA B 360 -13.17 -46.93 6.01
N ALA B 361 -14.04 -45.98 5.67
CA ALA B 361 -15.46 -46.09 5.98
C ALA B 361 -16.28 -45.12 5.13
N ALA B 362 -15.90 -43.85 5.16
CA ALA B 362 -16.61 -42.81 4.41
C ALA B 362 -16.57 -43.08 2.90
N LYS B 363 -17.53 -42.51 2.19
CA LYS B 363 -17.62 -42.72 0.74
C LYS B 363 -17.81 -41.42 -0.03
N GLU B 364 -17.40 -41.41 -1.30
CA GLU B 364 -17.52 -40.26 -2.18
C GLU B 364 -16.86 -39.01 -1.60
N VAL B 365 -15.54 -39.06 -1.46
CA VAL B 365 -14.79 -37.92 -0.94
C VAL B 365 -14.51 -36.90 -2.03
N GLY B 366 -15.18 -37.02 -3.16
CA GLY B 366 -15.04 -36.09 -4.27
C GLY B 366 -15.06 -36.73 -5.64
N ARG B 367 -15.01 -35.89 -6.68
CA ARG B 367 -14.97 -36.38 -8.06
C ARG B 367 -14.56 -35.28 -9.04
N THR B 368 -14.20 -35.69 -10.26
CA THR B 368 -13.77 -34.77 -11.30
C THR B 368 -13.65 -35.46 -12.66
N ILE B 369 -13.09 -34.74 -13.63
CA ILE B 369 -12.87 -35.26 -14.98
C ILE B 369 -11.51 -34.77 -15.48
N THR B 370 -10.86 -35.57 -16.32
CA THR B 370 -9.54 -35.22 -16.84
C THR B 370 -9.59 -34.12 -17.90
N ASP B 371 -8.65 -33.17 -17.78
CA ASP B 371 -8.55 -32.07 -18.75
C ASP B 371 -7.92 -32.55 -20.06
N ASP B 372 -7.56 -31.61 -20.92
CA ASP B 372 -7.03 -31.95 -22.23
C ASP B 372 -5.61 -32.53 -22.19
N LYS B 373 -4.91 -32.35 -21.08
CA LYS B 373 -3.62 -33.02 -20.89
C LYS B 373 -3.80 -34.31 -20.09
N GLY B 374 -5.05 -34.64 -19.80
CA GLY B 374 -5.38 -35.87 -19.10
C GLY B 374 -5.18 -35.84 -17.60
N GLY B 375 -4.83 -34.67 -17.07
CA GLY B 375 -4.61 -34.53 -15.64
C GLY B 375 -5.90 -34.33 -14.84
N TYR B 376 -5.82 -34.57 -13.54
CA TYR B 376 -6.96 -34.36 -12.65
C TYR B 376 -6.50 -34.20 -11.19
N LEU B 377 -7.30 -33.51 -10.39
CA LEU B 377 -7.00 -33.30 -8.97
C LEU B 377 -8.23 -33.44 -8.07
N ILE B 378 -8.00 -33.73 -6.80
CA ILE B 378 -9.08 -33.84 -5.82
C ILE B 378 -8.61 -33.31 -4.46
N PRO B 379 -9.04 -32.09 -4.09
CA PRO B 379 -8.60 -31.35 -2.90
C PRO B 379 -9.35 -31.71 -1.62
N ASN B 380 -8.83 -31.22 -0.49
CA ASN B 380 -9.48 -31.35 0.82
C ASN B 380 -9.45 -32.76 1.40
N LEU B 381 -8.28 -33.39 1.37
CA LEU B 381 -8.16 -34.78 1.81
C LEU B 381 -7.20 -34.95 3.00
N PRO B 382 -7.72 -35.49 4.11
CA PRO B 382 -6.96 -35.80 5.33
C PRO B 382 -6.06 -37.03 5.13
N ASN B 383 -5.11 -37.23 6.05
CA ASN B 383 -4.23 -38.39 5.97
C ASN B 383 -4.97 -39.69 6.23
N GLY B 384 -5.08 -40.53 5.20
CA GLY B 384 -5.78 -41.79 5.32
C GLY B 384 -5.80 -42.60 4.04
N ASP B 385 -6.56 -43.69 4.05
CA ASP B 385 -6.66 -44.57 2.89
C ASP B 385 -7.89 -44.25 2.03
N TYR B 386 -7.64 -44.01 0.74
CA TYR B 386 -8.70 -43.68 -0.20
C TYR B 386 -8.66 -44.62 -1.41
N ARG B 387 -9.75 -44.68 -2.14
CA ARG B 387 -9.86 -45.55 -3.31
C ARG B 387 -10.40 -44.79 -4.53
N VAL B 388 -9.60 -44.72 -5.58
CA VAL B 388 -9.94 -43.97 -6.77
C VAL B 388 -10.69 -44.81 -7.82
N GLU B 389 -11.78 -44.24 -8.33
CA GLU B 389 -12.60 -44.89 -9.34
C GLU B 389 -12.51 -44.15 -10.67
N PHE B 390 -12.09 -44.87 -11.71
CA PHE B 390 -12.11 -44.31 -13.06
C PHE B 390 -13.32 -44.86 -13.79
N SER B 391 -14.00 -43.99 -14.53
CA SER B 391 -15.20 -44.37 -15.26
C SER B 391 -15.40 -43.47 -16.47
N ASN B 392 -16.40 -43.79 -17.28
CA ASN B 392 -16.64 -43.06 -18.51
C ASN B 392 -15.39 -43.06 -19.39
N LEU B 393 -14.99 -44.25 -19.85
CA LEU B 393 -13.83 -44.37 -20.71
C LEU B 393 -14.24 -44.32 -22.18
N PRO B 394 -13.38 -43.73 -23.04
CA PRO B 394 -13.68 -43.60 -24.47
C PRO B 394 -13.97 -44.95 -25.11
N GLN B 395 -15.03 -45.03 -25.91
CA GLN B 395 -15.43 -46.26 -26.57
C GLN B 395 -14.26 -46.89 -27.33
N GLY B 396 -14.06 -48.19 -27.13
CA GLY B 396 -13.01 -48.93 -27.80
C GLY B 396 -11.66 -48.77 -27.11
N TYR B 397 -11.68 -48.60 -25.80
CA TYR B 397 -10.45 -48.43 -25.02
C TYR B 397 -10.29 -49.47 -23.92
N GLU B 398 -9.17 -50.17 -23.94
CA GLU B 398 -8.87 -51.20 -22.95
C GLU B 398 -7.96 -50.66 -21.85
N VAL B 399 -8.10 -51.22 -20.65
CA VAL B 399 -7.18 -50.89 -19.56
C VAL B 399 -5.85 -51.58 -19.82
N THR B 400 -4.76 -50.89 -19.48
CA THR B 400 -3.41 -51.42 -19.72
C THR B 400 -2.99 -52.26 -18.51
N PRO B 401 -1.99 -53.14 -18.71
CA PRO B 401 -1.48 -53.95 -17.59
C PRO B 401 -1.22 -53.07 -16.38
N SER B 402 -1.77 -53.47 -15.22
CA SER B 402 -1.65 -52.66 -14.02
C SER B 402 -0.40 -52.98 -13.20
N LYS B 403 0.14 -51.94 -12.56
CA LYS B 403 1.27 -52.10 -11.65
C LYS B 403 2.51 -52.65 -12.33
N GLN B 404 2.93 -52.03 -13.44
CA GLN B 404 4.14 -52.43 -14.14
C GLN B 404 5.35 -51.63 -13.67
N GLY B 405 6.51 -52.27 -13.66
CA GLY B 405 7.73 -51.64 -13.20
C GLY B 405 7.72 -51.38 -11.71
N ALA B 406 8.90 -51.33 -11.12
CA ALA B 406 9.03 -51.08 -9.68
C ALA B 406 8.97 -49.58 -9.38
N ASN B 407 7.85 -48.96 -9.74
CA ASN B 407 7.64 -47.52 -9.55
C ASN B 407 6.16 -47.16 -9.55
N GLU B 408 5.60 -46.95 -8.37
CA GLU B 408 4.18 -46.64 -8.23
C GLU B 408 3.85 -45.16 -8.50
N GLU B 409 4.71 -44.49 -9.26
CA GLU B 409 4.48 -43.09 -9.62
C GLU B 409 4.39 -42.95 -11.13
N LEU B 410 4.90 -43.93 -11.84
CA LEU B 410 4.92 -43.93 -13.30
C LEU B 410 4.17 -45.13 -13.88
N ASP B 411 3.31 -45.74 -13.08
CA ASP B 411 2.57 -46.91 -13.52
C ASP B 411 1.07 -46.64 -13.59
N SER B 412 0.32 -47.68 -13.94
CA SER B 412 -1.14 -47.62 -13.96
C SER B 412 -1.73 -48.34 -12.74
N ASN B 413 -2.74 -47.73 -12.13
CA ASN B 413 -3.36 -48.31 -10.95
C ASN B 413 -4.50 -49.24 -11.32
N GLY B 414 -5.21 -48.89 -12.40
CA GLY B 414 -6.38 -49.63 -12.82
C GLY B 414 -7.62 -48.81 -12.57
N VAL B 415 -8.79 -49.44 -12.71
CA VAL B 415 -10.05 -48.74 -12.51
C VAL B 415 -10.34 -48.43 -11.04
N SER B 416 -9.85 -49.28 -10.15
CA SER B 416 -10.05 -49.09 -8.72
C SER B 416 -8.84 -49.57 -7.94
N SER B 417 -8.40 -48.75 -6.98
CA SER B 417 -7.25 -49.07 -6.14
C SER B 417 -7.20 -48.17 -4.91
N VAL B 418 -6.31 -48.48 -3.98
CA VAL B 418 -6.21 -47.73 -2.73
C VAL B 418 -4.82 -47.10 -2.55
N ILE B 419 -4.76 -45.77 -2.62
CA ILE B 419 -3.54 -45.05 -2.31
C ILE B 419 -3.59 -44.58 -0.85
N THR B 420 -2.48 -44.09 -0.33
CA THR B 420 -2.43 -43.65 1.06
C THR B 420 -1.77 -42.27 1.20
N VAL B 421 -2.58 -41.30 1.60
CA VAL B 421 -2.11 -39.94 1.85
C VAL B 421 -1.51 -39.84 3.25
N ASN B 422 -0.30 -39.29 3.34
CA ASN B 422 0.37 -39.13 4.62
C ASN B 422 1.42 -38.03 4.61
N GLY B 423 1.07 -36.88 5.16
CA GLY B 423 2.01 -35.77 5.29
C GLY B 423 2.12 -34.87 4.07
N LYS B 424 1.57 -35.32 2.94
CA LYS B 424 1.65 -34.55 1.70
C LYS B 424 0.69 -35.04 0.63
N ASP B 425 0.75 -34.41 -0.55
CA ASP B 425 -0.08 -34.79 -1.68
C ASP B 425 0.30 -36.15 -2.25
N ASN B 426 -0.70 -36.93 -2.61
CA ASN B 426 -0.48 -38.21 -3.28
C ASN B 426 -1.04 -38.16 -4.70
N LEU B 427 -0.15 -38.12 -5.68
CA LEU B 427 -0.55 -37.87 -7.07
C LEU B 427 -0.33 -39.10 -7.96
N SER B 428 -0.35 -40.28 -7.35
CA SER B 428 0.04 -41.51 -8.03
C SER B 428 -1.15 -42.36 -8.47
N ALA B 429 -2.36 -41.89 -8.20
CA ALA B 429 -3.56 -42.57 -8.67
C ALA B 429 -3.77 -42.35 -10.17
N ASP B 430 -3.00 -43.06 -11.00
CA ASP B 430 -3.08 -42.87 -12.44
C ASP B 430 -3.65 -44.10 -13.13
N LEU B 431 -3.98 -43.95 -14.42
CA LEU B 431 -4.60 -45.01 -15.20
C LEU B 431 -4.20 -44.92 -16.66
N GLY B 432 -3.70 -46.02 -17.20
CA GLY B 432 -3.31 -46.09 -18.60
C GLY B 432 -4.29 -46.91 -19.42
N ILE B 433 -4.47 -46.51 -20.68
CA ILE B 433 -5.41 -47.17 -21.58
C ILE B 433 -4.81 -47.29 -22.98
N TYR B 434 -5.58 -47.87 -23.90
CA TYR B 434 -5.16 -48.02 -25.29
C TYR B 434 -6.31 -48.56 -26.14
N LYS B 435 -6.23 -48.37 -27.44
CA LYS B 435 -7.22 -48.99 -28.34
C LYS B 435 -6.58 -50.17 -29.07
N PRO B 436 -7.18 -51.36 -28.93
CA PRO B 436 -6.71 -52.54 -29.66
C PRO B 436 -6.56 -52.24 -31.15
N ALA B 437 -5.50 -52.75 -31.76
CA ALA B 437 -5.27 -52.53 -33.19
C ALA B 437 -6.15 -53.47 -34.01
N TYR B 438 -7.41 -53.10 -34.15
CA TYR B 438 -8.36 -53.82 -35.02
C TYR B 438 -8.13 -55.32 -35.09
#